data_3C09
#
_entry.id   3C09
#
_cell.length_a   141.073
_cell.length_b   205.035
_cell.length_c   81.577
_cell.angle_alpha   90.00
_cell.angle_beta   117.49
_cell.angle_gamma   90.00
#
_symmetry.space_group_name_H-M   'C 1 2 1'
#
loop_
_entity.id
_entity.type
_entity.pdbx_description
1 polymer 'Matuzumab Fab Light chain'
2 polymer 'Matuzumab Fab Heavy chain'
3 polymer 'Epidermal growth factor receptor'
4 non-polymer 2-acetamido-2-deoxy-beta-D-glucopyranose
5 non-polymer beta-D-mannopyranose
6 non-polymer alpha-D-mannopyranose
#
loop_
_entity_poly.entity_id
_entity_poly.type
_entity_poly.pdbx_seq_one_letter_code
_entity_poly.pdbx_strand_id
1 'polypeptide(L)'
;DIQMTQSPSSLSASVGDRVTITCSASSSVTYMYWYQQKPGKAPKLLIYDTSNLASGVPSRFSGSGSGTDYTFTISSLQPE
DIATYYCQQWSSHIFTFGQGTKVEIKRTVAAPSVFIFPPSDEQLKSGTASVVCLLNNFYPREAKVQWKVDNALQSGNSQE
SVTEQDSKDSTYSLSSTLTLSKADYEKHKVYACEVTHQGLSSPVTKSFNRGE
;
L,B
2 'polypeptide(L)'
;QVQLVQSGAEVKKPGASVKVSCKASGYTFTSHWMHWVRQAPGQGLEWIGEFNPSNGRTNYNEKFKSKATMTVDTSTNTAY
MELSSLRSEDTAVYYCASRDYDYAGRYFDYWGQGTLVTVSSASTKGPSVFPLAPSSKSTSGGTAALGCLVKDYFPEPVTV
SWNSGALTSGVHTFPAVLQSSGLYSLSSVVTVPSSSLGTQTYICNVNHKPSNTKVDKKVEPKS
;
H,C
3 'polypeptide(L)'
;LEEKKVCNGIGIGEFKDSLSINATNIKHFKNCTSISGDLHILPVAFRGDSFTHTPPLDPQELDILKTVKEITGFLLIQAW
PENRTDLHAFENLEIIRGRTKQHGQFSLAVVSLNITSLGLRSLKEISDGDVIISGNKNLCYANTINWKKLFGTSGQKTKI
ISNRGENSCKATGQVCHALCSPEGCWGPEPRDCVSCRNVSRGRECVDKHHHHHH
;
A,D
#
loop_
_chem_comp.id
_chem_comp.type
_chem_comp.name
_chem_comp.formula
BMA D-saccharide, beta linking beta-D-mannopyranose 'C6 H12 O6'
MAN D-saccharide, alpha linking alpha-D-mannopyranose 'C6 H12 O6'
NAG D-saccharide, beta linking 2-acetamido-2-deoxy-beta-D-glucopyranose 'C8 H15 N O6'
#
# COMPACT_ATOMS: atom_id res chain seq x y z
N ASP A 1 6.73 -2.67 6.47
CA ASP A 1 7.70 -3.82 6.43
C ASP A 1 8.13 -4.28 7.83
N ILE A 2 7.90 -3.44 8.85
CA ILE A 2 8.17 -3.81 10.24
C ILE A 2 6.85 -3.95 11.01
N GLN A 3 6.77 -5.01 11.82
CA GLN A 3 5.49 -5.44 12.40
C GLN A 3 5.57 -5.60 13.93
N MET A 4 4.74 -4.81 14.60
CA MET A 4 4.81 -4.62 16.05
C MET A 4 3.90 -5.55 16.85
N THR A 5 4.44 -6.14 17.91
CA THR A 5 3.64 -6.93 18.81
C THR A 5 3.69 -6.27 20.18
N GLN A 6 2.59 -5.61 20.55
CA GLN A 6 2.49 -4.92 21.83
C GLN A 6 1.80 -5.86 22.77
N SER A 7 2.11 -5.74 24.06
CA SER A 7 1.58 -6.67 25.03
C SER A 7 1.75 -6.08 26.42
N PRO A 8 0.73 -6.23 27.30
CA PRO A 8 -0.50 -6.99 27.10
C PRO A 8 -1.64 -6.18 26.47
N SER A 9 -2.80 -6.83 26.33
CA SER A 9 -4.00 -6.16 25.86
C SER A 9 -4.60 -5.31 26.97
N SER A 10 -4.77 -5.90 28.15
CA SER A 10 -5.23 -5.16 29.31
C SER A 10 -4.36 -5.44 30.52
N LEU A 11 -4.62 -4.69 31.57
CA LEU A 11 -3.75 -4.64 32.71
C LEU A 11 -4.51 -3.91 33.79
N SER A 12 -4.73 -4.56 34.92
CA SER A 12 -5.29 -3.86 36.07
C SER A 12 -4.30 -3.83 37.22
N ALA A 13 -4.10 -2.65 37.78
CA ALA A 13 -3.20 -2.49 38.93
C ALA A 13 -3.56 -1.31 39.82
N SER A 14 -2.96 -1.28 40.99
CA SER A 14 -3.41 -0.37 42.03
C SER A 14 -2.65 0.92 41.89
N VAL A 15 -3.15 1.97 42.54
CA VAL A 15 -2.47 3.25 42.58
C VAL A 15 -1.12 3.07 43.22
N GLY A 16 -0.09 3.66 42.64
CA GLY A 16 1.27 3.57 43.18
C GLY A 16 2.05 2.41 42.63
N ASP A 17 1.35 1.51 41.94
CA ASP A 17 1.94 0.28 41.43
C ASP A 17 2.72 0.53 40.17
N ARG A 18 3.58 -0.44 39.83
CA ARG A 18 4.44 -0.35 38.65
C ARG A 18 3.83 -1.01 37.42
N VAL A 19 3.66 -0.19 36.39
CA VAL A 19 3.02 -0.63 35.16
C VAL A 19 4.05 -0.68 34.06
N THR A 20 4.28 -1.90 33.54
CA THR A 20 5.24 -2.10 32.46
C THR A 20 4.58 -2.76 31.24
N ILE A 21 4.72 -2.10 30.08
CA ILE A 21 4.13 -2.54 28.83
C ILE A 21 5.22 -2.72 27.77
N THR A 22 5.53 -3.98 27.45
CA THR A 22 6.50 -4.27 26.41
C THR A 22 5.88 -4.05 25.04
N CYS A 23 6.72 -3.79 24.06
CA CYS A 23 6.28 -3.71 22.69
C CYS A 23 7.40 -4.15 21.75
N SER A 24 7.22 -5.34 21.19
CA SER A 24 8.25 -6.04 20.43
C SER A 24 8.21 -5.70 18.94
N ALA A 25 9.29 -5.97 18.22
CA ALA A 25 9.41 -5.60 16.82
C ALA A 25 9.94 -6.74 15.94
N SER A 26 9.37 -6.89 14.73
CA SER A 26 9.76 -7.93 13.76
C SER A 26 11.21 -7.78 13.28
N SER A 27 11.50 -6.86 12.36
CA SER A 27 12.89 -6.50 12.05
C SER A 27 13.39 -5.46 13.08
N SER A 28 14.55 -4.84 12.81
CA SER A 28 15.06 -3.76 13.69
C SER A 28 14.54 -2.36 13.35
N VAL A 29 14.54 -1.51 14.37
CA VAL A 29 13.79 -0.25 14.40
C VAL A 29 14.67 0.92 14.82
N THR A 30 14.65 1.99 14.02
CA THR A 30 15.47 3.16 14.34
C THR A 30 14.91 3.96 15.54
N TYR A 31 13.67 4.40 15.43
CA TYR A 31 13.07 5.27 16.47
C TYR A 31 11.77 4.71 17.02
N MET A 32 11.60 4.92 18.33
CA MET A 32 10.52 4.32 19.09
C MET A 32 9.83 5.41 19.88
N TYR A 33 8.50 5.43 19.81
CA TYR A 33 7.69 6.45 20.45
C TYR A 33 6.73 5.79 21.40
N TRP A 34 6.20 6.53 22.36
CA TRP A 34 5.15 6.03 23.24
C TRP A 34 4.07 7.06 23.46
N TYR A 35 2.86 6.70 23.05
CA TYR A 35 1.70 7.57 23.07
C TYR A 35 0.69 7.14 24.12
N GLN A 36 -0.08 8.10 24.63
CA GLN A 36 -1.11 7.85 25.62
C GLN A 36 -2.43 8.41 25.12
N GLN A 37 -3.48 7.59 25.11
CA GLN A 37 -4.77 8.04 24.63
C GLN A 37 -5.80 7.88 25.71
N LYS A 38 -6.18 8.98 26.34
CA LYS A 38 -7.23 8.97 27.37
C LYS A 38 -8.60 8.92 26.71
N PRO A 39 -9.59 8.26 27.35
CA PRO A 39 -10.87 8.07 26.64
C PRO A 39 -11.39 9.38 26.02
N GLY A 40 -11.78 9.33 24.74
CA GLY A 40 -12.41 10.48 24.08
C GLY A 40 -11.48 11.63 23.68
N LYS A 41 -10.31 11.71 24.33
CA LYS A 41 -9.27 12.63 23.91
C LYS A 41 -8.42 11.99 22.79
N ALA A 42 -7.53 12.78 22.18
CA ALA A 42 -6.57 12.30 21.17
C ALA A 42 -5.32 11.69 21.84
N PRO A 43 -4.51 10.93 21.08
CA PRO A 43 -3.18 10.50 21.50
C PRO A 43 -2.31 11.60 22.12
N LYS A 44 -1.45 11.22 23.07
CA LYS A 44 -0.46 12.16 23.62
C LYS A 44 0.92 11.50 23.70
N LEU A 45 1.90 12.08 23.01
CA LEU A 45 3.27 11.59 23.07
C LEU A 45 3.84 11.79 24.44
N LEU A 46 4.16 10.69 25.10
CA LEU A 46 4.89 10.70 26.38
C LEU A 46 6.40 10.52 26.26
N ILE A 47 6.84 9.65 25.36
CA ILE A 47 8.25 9.36 25.29
C ILE A 47 8.63 9.20 23.85
N TYR A 48 9.74 9.80 23.46
CA TYR A 48 10.23 9.62 22.08
C TYR A 48 11.68 9.13 22.04
N ASP A 49 12.03 8.50 20.92
CA ASP A 49 13.38 7.99 20.69
C ASP A 49 13.76 6.73 21.43
N THR A 50 13.19 6.55 22.61
CA THR A 50 13.13 5.28 23.33
C THR A 50 12.85 5.67 24.75
N SER A 51 13.57 6.68 25.22
CA SER A 51 13.56 7.03 26.64
C SER A 51 13.35 8.51 26.90
N ASN A 52 13.47 9.34 25.87
CA ASN A 52 13.30 10.77 26.02
C ASN A 52 11.88 11.16 26.38
N LEU A 53 11.70 11.48 27.67
CA LEU A 53 10.42 11.96 28.19
C LEU A 53 10.03 13.25 27.49
N ALA A 54 8.93 13.22 26.77
CA ALA A 54 8.40 14.44 26.18
C ALA A 54 8.28 15.50 27.27
N SER A 55 8.24 16.76 26.84
CA SER A 55 8.19 17.91 27.71
C SER A 55 6.95 17.87 28.61
N GLY A 56 7.14 18.14 29.89
CA GLY A 56 6.02 18.31 30.82
C GLY A 56 5.60 17.04 31.53
N VAL A 57 5.68 15.92 30.81
CA VAL A 57 5.44 14.60 31.37
C VAL A 57 6.17 14.42 32.70
N PRO A 58 5.44 14.01 33.74
CA PRO A 58 5.99 13.68 35.04
C PRO A 58 7.04 12.57 35.05
N SER A 59 7.73 12.41 36.17
CA SER A 59 8.86 11.50 36.34
C SER A 59 8.50 10.04 36.19
N ARG A 60 7.30 9.68 36.64
CA ARG A 60 6.92 8.29 36.80
C ARG A 60 6.91 7.53 35.49
N PHE A 61 6.85 8.28 34.39
CA PHE A 61 6.88 7.69 33.05
C PHE A 61 8.32 7.50 32.55
N SER A 62 8.55 6.39 31.86
CA SER A 62 9.85 6.11 31.28
C SER A 62 9.66 5.09 30.17
N GLY A 63 10.69 4.91 29.36
CA GLY A 63 10.69 3.89 28.31
C GLY A 63 12.11 3.47 28.06
N SER A 64 12.35 2.18 27.96
CA SER A 64 13.70 1.69 27.80
C SER A 64 13.78 0.69 26.66
N GLY A 65 14.82 -0.13 26.70
CA GLY A 65 15.00 -1.26 25.78
C GLY A 65 15.79 -0.87 24.55
N SER A 66 16.56 -1.83 24.03
CA SER A 66 17.28 -1.66 22.74
C SER A 66 17.18 -2.92 21.85
N GLY A 67 17.44 -2.73 20.57
CA GLY A 67 17.37 -3.81 19.59
C GLY A 67 16.00 -3.84 18.96
N THR A 68 15.27 -4.92 19.25
CA THR A 68 13.85 -5.06 18.84
C THR A 68 12.94 -5.20 20.07
N ASP A 69 13.44 -4.75 21.22
CA ASP A 69 12.74 -4.89 22.49
C ASP A 69 12.60 -3.56 23.21
N TYR A 70 11.37 -3.09 23.37
CA TYR A 70 11.13 -1.80 24.02
C TYR A 70 10.13 -1.97 25.13
N THR A 71 10.43 -1.38 26.29
CA THR A 71 9.54 -1.45 27.44
C THR A 71 9.10 -0.05 27.76
N PHE A 72 7.86 0.07 28.24
CA PHE A 72 7.33 1.35 28.72
C PHE A 72 6.86 1.16 30.16
N THR A 73 7.19 2.11 31.04
CA THR A 73 6.98 1.91 32.47
C THR A 73 6.36 3.11 33.14
N ILE A 74 5.34 2.90 33.96
CA ILE A 74 4.84 3.94 34.83
C ILE A 74 5.17 3.43 36.23
N SER A 75 6.21 3.99 36.81
CA SER A 75 6.78 3.44 38.04
C SER A 75 5.78 3.49 39.17
N SER A 76 4.97 4.53 39.22
CA SER A 76 4.04 4.72 40.31
C SER A 76 2.66 5.20 39.84
N LEU A 77 1.82 4.23 39.43
CA LEU A 77 0.54 4.50 38.73
C LEU A 77 -0.39 5.42 39.49
N GLN A 78 -0.71 6.56 38.87
CA GLN A 78 -1.67 7.50 39.41
C GLN A 78 -3.03 7.36 38.72
N PRO A 79 -4.13 7.70 39.43
CA PRO A 79 -5.49 7.62 38.89
C PRO A 79 -5.65 8.23 37.51
N GLU A 80 -5.00 9.36 37.29
CA GLU A 80 -5.11 10.08 36.03
C GLU A 80 -4.40 9.38 34.87
N ASP A 81 -3.94 8.16 35.11
CA ASP A 81 -3.11 7.44 34.14
C ASP A 81 -3.93 6.44 33.36
N ILE A 82 -5.22 6.38 33.69
CA ILE A 82 -6.18 5.65 32.90
C ILE A 82 -6.11 6.11 31.43
N ALA A 83 -5.85 5.16 30.55
CA ALA A 83 -5.87 5.36 29.10
C ALA A 83 -5.46 4.07 28.39
N THR A 84 -5.37 4.12 27.08
CA THR A 84 -4.75 3.03 26.38
C THR A 84 -3.48 3.58 25.81
N TYR A 85 -2.39 2.84 25.98
CA TYR A 85 -1.09 3.32 25.59
C TYR A 85 -0.65 2.60 24.33
N TYR A 86 -0.06 3.35 23.40
CA TYR A 86 0.41 2.80 22.14
C TYR A 86 1.87 3.16 21.86
N CYS A 87 2.64 2.18 21.40
CA CYS A 87 3.98 2.45 20.91
C CYS A 87 3.88 2.63 19.42
N GLN A 88 4.76 3.44 18.86
CA GLN A 88 4.95 3.42 17.43
C GLN A 88 6.45 3.37 17.09
N GLN A 89 6.78 2.75 15.97
CA GLN A 89 8.13 2.75 15.46
C GLN A 89 8.21 3.53 14.15
N TRP A 90 9.34 4.21 13.94
CA TRP A 90 9.65 4.79 12.64
C TRP A 90 10.92 4.15 12.13
N SER A 91 10.81 3.52 10.97
CA SER A 91 11.93 2.89 10.31
C SER A 91 11.73 3.05 8.82
N SER A 92 12.82 3.38 8.12
CA SER A 92 12.89 3.54 6.66
C SER A 92 11.67 4.21 6.04
N HIS A 93 11.31 5.36 6.60
CA HIS A 93 10.31 6.26 6.03
C HIS A 93 8.81 5.98 6.36
N ILE A 94 8.54 4.88 7.02
CA ILE A 94 7.15 4.55 7.35
C ILE A 94 6.94 4.37 8.86
N PHE A 95 5.79 4.81 9.36
CA PHE A 95 5.44 4.64 10.77
C PHE A 95 4.65 3.34 10.95
N THR A 96 4.67 2.76 12.15
CA THR A 96 3.86 1.57 12.50
C THR A 96 3.45 1.54 13.97
N PHE A 97 2.14 1.47 14.23
CA PHE A 97 1.59 1.42 15.60
C PHE A 97 1.42 0.02 16.16
N GLY A 98 1.58 -0.09 17.48
CA GLY A 98 1.25 -1.31 18.22
C GLY A 98 -0.26 -1.40 18.45
N GLN A 99 -0.68 -2.48 19.09
CA GLN A 99 -2.10 -2.82 19.18
C GLN A 99 -2.82 -2.07 20.29
N GLY A 100 -2.06 -1.53 21.23
CA GLY A 100 -2.64 -0.88 22.39
C GLY A 100 -2.59 -1.78 23.62
N THR A 101 -2.65 -1.15 24.78
CA THR A 101 -2.70 -1.80 26.06
C THR A 101 -3.62 -0.95 26.92
N LYS A 102 -4.83 -1.41 27.18
CA LYS A 102 -5.71 -0.69 28.08
C LYS A 102 -5.18 -0.87 29.51
N VAL A 103 -4.78 0.24 30.13
CA VAL A 103 -4.42 0.24 31.56
C VAL A 103 -5.61 0.72 32.35
N GLU A 104 -5.98 -0.07 33.37
CA GLU A 104 -7.14 0.21 34.19
C GLU A 104 -6.80 0.13 35.66
N ILE A 105 -7.37 1.06 36.42
CA ILE A 105 -7.07 1.16 37.85
C ILE A 105 -7.96 0.27 38.69
N LYS A 106 -7.34 -0.52 39.56
CA LYS A 106 -8.04 -1.30 40.57
C LYS A 106 -8.16 -0.48 41.85
N ARG A 107 -9.36 -0.39 42.40
CA ARG A 107 -9.59 0.39 43.63
C ARG A 107 -10.47 -0.39 44.63
N THR A 108 -10.86 0.29 45.72
CA THR A 108 -11.75 -0.31 46.72
C THR A 108 -13.17 -0.32 46.19
N VAL A 109 -13.97 -1.28 46.66
CA VAL A 109 -15.37 -1.41 46.25
C VAL A 109 -16.17 -0.13 46.55
N ALA A 110 -16.93 0.31 45.55
CA ALA A 110 -17.80 1.50 45.69
C ALA A 110 -19.24 1.19 45.30
N ALA A 111 -20.17 1.82 46.01
CA ALA A 111 -21.59 1.60 45.84
C ALA A 111 -22.19 2.70 44.97
N PRO A 112 -23.04 2.31 43.99
CA PRO A 112 -23.71 3.22 43.05
C PRO A 112 -24.79 4.13 43.64
N SER A 113 -24.69 5.44 43.41
CA SER A 113 -25.79 6.37 43.71
C SER A 113 -26.90 6.12 42.68
N VAL A 114 -28.04 5.57 43.11
CA VAL A 114 -29.15 5.33 42.18
C VAL A 114 -30.05 6.56 41.99
N PHE A 115 -30.44 6.80 40.74
CA PHE A 115 -31.37 7.86 40.39
C PHE A 115 -32.34 7.33 39.34
N ILE A 116 -33.53 7.94 39.28
CA ILE A 116 -34.62 7.41 38.45
C ILE A 116 -35.35 8.57 37.75
N PHE A 117 -35.32 8.53 36.41
CA PHE A 117 -35.91 9.61 35.63
C PHE A 117 -37.14 9.18 34.85
N PRO A 118 -38.27 9.90 35.04
CA PRO A 118 -39.50 9.69 34.27
C PRO A 118 -39.34 10.30 32.88
N PRO A 119 -40.24 9.94 31.95
CA PRO A 119 -40.30 10.58 30.64
C PRO A 119 -40.68 12.07 30.74
N SER A 120 -40.28 12.87 29.77
CA SER A 120 -40.66 14.26 29.77
C SER A 120 -41.99 14.42 29.07
N ASP A 121 -42.75 15.43 29.50
CA ASP A 121 -44.05 15.71 28.90
C ASP A 121 -43.88 16.05 27.42
N GLU A 122 -42.83 16.81 27.10
CA GLU A 122 -42.46 17.07 25.71
C GLU A 122 -42.34 15.76 24.90
N GLN A 123 -41.65 14.76 25.46
CA GLN A 123 -41.47 13.47 24.81
C GLN A 123 -42.78 12.68 24.69
N LEU A 124 -43.62 12.80 25.71
CA LEU A 124 -44.89 12.07 25.73
C LEU A 124 -45.87 12.60 24.69
N LYS A 125 -45.96 13.92 24.55
CA LYS A 125 -46.71 14.56 23.46
C LYS A 125 -46.39 13.86 22.14
N SER A 126 -45.09 13.66 21.88
CA SER A 126 -44.55 13.03 20.67
C SER A 126 -45.07 11.63 20.34
N GLY A 127 -45.08 10.72 21.32
CA GLY A 127 -45.59 9.35 21.11
C GLY A 127 -44.78 8.24 21.74
N THR A 128 -43.72 8.61 22.46
CA THR A 128 -42.81 7.63 23.06
C THR A 128 -42.41 8.00 24.50
N ALA A 129 -42.23 6.99 25.34
CA ALA A 129 -41.80 7.17 26.73
C ALA A 129 -40.39 6.61 26.97
N SER A 130 -39.55 7.38 27.67
CA SER A 130 -38.20 6.93 28.05
C SER A 130 -37.92 7.02 29.56
N VAL A 131 -37.83 5.85 30.20
CA VAL A 131 -37.54 5.80 31.64
C VAL A 131 -36.06 5.48 31.91
N VAL A 132 -35.34 6.50 32.42
CA VAL A 132 -33.87 6.46 32.56
C VAL A 132 -33.48 6.24 34.02
N CYS A 133 -32.65 5.24 34.26
CA CYS A 133 -32.15 4.94 35.59
C CYS A 133 -30.64 5.05 35.54
N LEU A 134 -30.10 5.85 36.44
CA LEU A 134 -28.66 6.18 36.48
C LEU A 134 -27.94 5.63 37.72
N LEU A 135 -27.08 4.63 37.54
CA LEU A 135 -26.20 4.20 38.63
C LEU A 135 -24.95 5.07 38.58
N ASN A 136 -24.58 5.67 39.71
CA ASN A 136 -23.53 6.68 39.72
C ASN A 136 -22.32 6.38 40.61
N ASN A 137 -21.15 6.46 39.98
CA ASN A 137 -19.82 6.27 40.58
C ASN A 137 -19.64 5.06 41.48
N PHE A 138 -19.29 3.94 40.85
CA PHE A 138 -19.19 2.64 41.52
C PHE A 138 -18.05 1.83 40.93
N TYR A 139 -17.41 1.01 41.77
CA TYR A 139 -16.41 0.04 41.31
C TYR A 139 -16.61 -1.23 42.12
N PRO A 140 -16.49 -2.41 41.48
CA PRO A 140 -16.16 -2.78 40.08
C PRO A 140 -17.25 -2.49 39.05
N ARG A 141 -16.93 -2.64 37.76
CA ARG A 141 -17.87 -2.35 36.65
C ARG A 141 -19.03 -3.34 36.52
N GLU A 142 -18.91 -4.49 37.17
CA GLU A 142 -19.99 -5.47 37.17
C GLU A 142 -21.18 -4.92 37.96
N ALA A 143 -22.38 -5.00 37.37
CA ALA A 143 -23.66 -4.60 38.02
C ALA A 143 -24.88 -4.82 37.12
N LYS A 144 -26.04 -5.07 37.74
CA LYS A 144 -27.27 -5.36 37.00
C LYS A 144 -28.37 -4.33 37.28
N VAL A 145 -28.97 -3.81 36.19
CA VAL A 145 -30.18 -2.99 36.25
C VAL A 145 -31.39 -3.79 35.81
N GLN A 146 -32.27 -4.10 36.76
CA GLN A 146 -33.48 -4.85 36.45
C GLN A 146 -34.71 -3.96 36.49
N TRP A 147 -35.30 -3.72 35.32
CA TRP A 147 -36.52 -2.93 35.20
C TRP A 147 -37.76 -3.73 35.61
N LYS A 148 -38.53 -3.14 36.53
CA LYS A 148 -39.80 -3.72 36.98
C LYS A 148 -40.94 -2.69 36.92
N VAL A 149 -41.80 -2.88 35.91
CA VAL A 149 -43.04 -2.13 35.80
C VAL A 149 -44.16 -2.95 36.45
N ASP A 150 -44.92 -2.29 37.32
CA ASP A 150 -45.95 -2.94 38.13
C ASP A 150 -45.54 -4.36 38.52
N ASN A 151 -44.46 -4.42 39.32
CA ASN A 151 -43.94 -5.66 39.91
C ASN A 151 -43.53 -6.80 38.95
N ALA A 152 -43.63 -6.56 37.64
CA ALA A 152 -43.23 -7.56 36.66
C ALA A 152 -41.93 -7.15 35.92
N LEU A 153 -41.09 -8.14 35.62
CA LEU A 153 -39.82 -7.88 34.91
C LEU A 153 -39.99 -7.44 33.44
N GLN A 154 -38.87 -7.07 32.79
CA GLN A 154 -38.86 -6.54 31.43
C GLN A 154 -37.66 -7.06 30.64
N SER A 155 -37.87 -7.39 29.37
CA SER A 155 -36.80 -7.91 28.50
C SER A 155 -36.90 -7.34 27.08
N GLY A 156 -35.75 -7.12 26.46
CA GLY A 156 -35.67 -6.66 25.06
C GLY A 156 -36.34 -5.33 24.75
N ASN A 157 -36.50 -4.50 25.76
CA ASN A 157 -37.12 -3.20 25.63
C ASN A 157 -36.26 -2.13 26.29
N SER A 158 -35.07 -2.54 26.70
CA SER A 158 -34.19 -1.73 27.56
C SER A 158 -32.72 -1.86 27.14
N GLN A 159 -32.07 -0.71 26.93
CA GLN A 159 -30.66 -0.66 26.59
C GLN A 159 -29.85 0.10 27.64
N GLU A 160 -28.54 -0.18 27.69
CA GLU A 160 -27.62 0.53 28.59
C GLU A 160 -26.21 0.75 28.03
N SER A 161 -25.53 1.76 28.59
CA SER A 161 -24.11 1.97 28.32
C SER A 161 -23.39 2.35 29.60
N VAL A 162 -22.11 1.99 29.67
CA VAL A 162 -21.26 2.26 30.83
C VAL A 162 -20.13 3.19 30.41
N THR A 163 -19.87 4.24 31.18
CA THR A 163 -18.73 5.13 30.89
C THR A 163 -17.40 4.45 31.17
N GLU A 164 -16.31 5.14 30.79
CA GLU A 164 -14.96 4.68 31.08
C GLU A 164 -14.63 4.97 32.55
N GLN A 165 -13.48 4.50 33.01
CA GLN A 165 -13.05 4.78 34.37
C GLN A 165 -12.82 6.27 34.54
N ASP A 166 -13.38 6.83 35.61
CA ASP A 166 -13.18 8.24 35.89
C ASP A 166 -11.71 8.49 36.14
N SER A 167 -11.17 9.53 35.53
CA SER A 167 -9.76 9.86 35.69
C SER A 167 -9.41 10.38 37.08
N LYS A 168 -10.40 10.92 37.79
CA LYS A 168 -10.14 11.45 39.13
C LYS A 168 -10.38 10.43 40.27
N ASP A 169 -11.49 9.70 40.25
CA ASP A 169 -11.84 8.82 41.38
C ASP A 169 -11.91 7.34 41.05
N SER A 170 -11.45 6.99 39.86
CA SER A 170 -11.37 5.61 39.33
C SER A 170 -12.68 4.83 39.31
N THR A 171 -13.82 5.51 39.22
CA THR A 171 -15.14 4.84 39.27
C THR A 171 -15.88 4.91 37.95
N TYR A 172 -16.85 4.02 37.78
CA TYR A 172 -17.70 4.00 36.59
C TYR A 172 -19.05 4.69 36.80
N SER A 173 -19.93 4.61 35.79
CA SER A 173 -21.33 5.11 35.84
C SER A 173 -22.15 4.43 34.72
N LEU A 174 -23.42 4.11 35.01
CA LEU A 174 -24.27 3.35 34.09
C LEU A 174 -25.65 3.97 33.88
N SER A 175 -26.08 4.07 32.62
CA SER A 175 -27.39 4.61 32.24
C SER A 175 -28.27 3.60 31.49
N SER A 176 -29.09 2.86 32.23
CA SER A 176 -30.01 1.90 31.63
C SER A 176 -31.28 2.63 31.32
N THR A 177 -31.76 2.53 30.08
CA THR A 177 -32.99 3.23 29.70
C THR A 177 -34.07 2.27 29.21
N LEU A 178 -35.27 2.40 29.80
CA LEU A 178 -36.43 1.59 29.44
C LEU A 178 -37.38 2.33 28.50
N THR A 179 -37.71 1.69 27.38
CA THR A 179 -38.52 2.34 26.37
C THR A 179 -39.83 1.60 26.11
N LEU A 180 -40.92 2.33 26.27
CA LEU A 180 -42.26 1.85 25.96
C LEU A 180 -42.93 2.86 25.02
N SER A 181 -44.02 2.44 24.35
CA SER A 181 -44.83 3.34 23.51
C SER A 181 -45.72 4.16 24.41
N LYS A 182 -45.91 5.45 24.08
CA LYS A 182 -46.75 6.35 24.90
C LYS A 182 -48.05 5.67 25.33
N ALA A 183 -48.58 4.86 24.42
CA ALA A 183 -49.72 3.99 24.71
C ALA A 183 -49.39 3.04 25.88
N ASP A 184 -48.49 2.08 25.65
CA ASP A 184 -48.07 1.11 26.67
C ASP A 184 -47.73 1.75 28.02
N TYR A 185 -47.35 3.02 27.98
CA TYR A 185 -46.95 3.76 29.16
C TYR A 185 -48.13 4.21 30.01
N GLU A 186 -49.25 4.55 29.39
CA GLU A 186 -50.45 4.93 30.16
C GLU A 186 -50.99 3.76 30.98
N LYS A 187 -50.98 2.58 30.35
CA LYS A 187 -51.55 1.35 30.93
C LYS A 187 -51.09 0.97 32.34
N HIS A 188 -49.92 1.45 32.77
CA HIS A 188 -49.34 1.05 34.05
C HIS A 188 -48.98 2.22 34.96
N LYS A 189 -48.69 1.90 36.23
CA LYS A 189 -48.16 2.85 37.22
C LYS A 189 -46.96 2.21 37.91
N VAL A 190 -46.24 2.98 38.73
CA VAL A 190 -45.08 2.48 39.50
C VAL A 190 -44.02 1.77 38.64
N TYR A 191 -43.03 2.55 38.21
CA TYR A 191 -41.90 2.05 37.42
C TYR A 191 -40.62 2.06 38.26
N ALA A 192 -39.90 0.94 38.27
CA ALA A 192 -38.73 0.75 39.14
C ALA A 192 -37.56 -0.01 38.49
N CYS A 193 -36.43 -0.04 39.20
CA CYS A 193 -35.33 -0.96 38.87
C CYS A 193 -34.57 -1.43 40.12
N GLU A 194 -34.33 -2.74 40.19
CA GLU A 194 -33.51 -3.33 41.24
C GLU A 194 -32.03 -3.34 40.82
N VAL A 195 -31.17 -2.88 41.73
CA VAL A 195 -29.75 -2.74 41.43
C VAL A 195 -28.92 -3.71 42.27
N THR A 196 -28.47 -4.80 41.67
CA THR A 196 -27.49 -5.68 42.31
C THR A 196 -26.05 -5.19 42.05
N HIS A 197 -25.33 -4.86 43.12
CA HIS A 197 -23.92 -4.51 43.01
C HIS A 197 -23.10 -5.15 44.13
N GLN A 198 -21.78 -5.26 43.93
CA GLN A 198 -20.90 -5.77 44.97
C GLN A 198 -21.05 -4.92 46.23
N GLY A 199 -20.70 -3.64 46.14
CA GLY A 199 -20.74 -2.72 47.28
C GLY A 199 -22.12 -2.50 47.87
N LEU A 200 -23.13 -3.15 47.30
CA LEU A 200 -24.51 -3.06 47.79
C LEU A 200 -24.87 -4.31 48.62
N SER A 201 -25.34 -4.08 49.85
CA SER A 201 -25.69 -5.15 50.79
C SER A 201 -27.01 -5.82 50.42
N SER A 202 -28.02 -5.00 50.16
CA SER A 202 -29.33 -5.45 49.69
C SER A 202 -29.80 -4.60 48.49
N PRO A 203 -30.09 -5.27 47.34
CA PRO A 203 -30.39 -4.62 46.07
C PRO A 203 -31.22 -3.36 46.24
N VAL A 204 -30.60 -2.21 46.02
CA VAL A 204 -31.30 -0.93 46.12
C VAL A 204 -32.34 -0.78 44.99
N THR A 205 -33.58 -0.42 45.37
CA THR A 205 -34.66 -0.18 44.39
C THR A 205 -35.13 1.28 44.39
N LYS A 206 -35.02 1.93 43.24
CA LYS A 206 -35.50 3.30 43.06
C LYS A 206 -36.61 3.30 42.00
N SER A 207 -37.62 4.14 42.24
CA SER A 207 -38.87 4.14 41.49
C SER A 207 -39.63 5.45 41.63
N PHE A 208 -40.77 5.54 40.95
CA PHE A 208 -41.70 6.67 41.08
C PHE A 208 -43.13 6.17 40.83
N ASN A 209 -44.12 7.07 40.84
CA ASN A 209 -45.51 6.69 40.55
C ASN A 209 -46.31 7.69 39.71
N ARG A 210 -46.47 7.35 38.43
CA ARG A 210 -47.41 7.98 37.50
C ARG A 210 -47.66 6.91 36.44
N GLY A 211 -47.87 7.34 35.20
CA GLY A 211 -48.09 6.43 34.08
C GLY A 211 -49.54 6.25 33.73
N GLN B 1 -1.48 28.41 22.36
CA GLN B 1 -0.89 28.68 21.02
C GLN B 1 -1.20 27.57 20.00
N VAL B 2 -0.38 26.52 19.96
CA VAL B 2 -0.50 25.46 18.93
C VAL B 2 -1.84 24.74 19.02
N GLN B 3 -2.59 24.78 17.92
CA GLN B 3 -3.92 24.17 17.85
C GLN B 3 -4.12 23.54 16.48
N LEU B 4 -4.85 22.43 16.44
CA LEU B 4 -5.27 21.89 15.16
C LEU B 4 -6.79 21.68 15.18
N VAL B 5 -7.48 22.51 14.40
CA VAL B 5 -8.94 22.48 14.36
C VAL B 5 -9.40 21.82 13.07
N GLN B 6 -9.88 20.58 13.23
CA GLN B 6 -10.23 19.72 12.13
C GLN B 6 -11.69 19.87 11.79
N SER B 7 -12.04 19.63 10.53
CA SER B 7 -13.42 19.77 10.02
C SER B 7 -14.44 18.95 10.80
N GLY B 8 -15.70 19.32 10.65
CA GLY B 8 -16.79 18.59 11.29
C GLY B 8 -17.00 17.21 10.70
N ALA B 9 -17.72 16.37 11.45
CA ALA B 9 -17.98 15.00 11.03
C ALA B 9 -18.90 14.99 9.84
N GLU B 10 -18.92 13.88 9.10
CA GLU B 10 -19.92 13.69 8.04
C GLU B 10 -20.16 12.22 7.71
N VAL B 11 -21.29 11.97 7.07
CA VAL B 11 -21.71 10.63 6.70
C VAL B 11 -21.63 10.47 5.20
N LYS B 12 -21.18 9.31 4.76
CA LYS B 12 -21.01 9.07 3.34
C LYS B 12 -21.49 7.68 2.95
N LYS B 13 -22.11 7.60 1.77
CA LYS B 13 -22.57 6.34 1.23
C LYS B 13 -21.41 5.71 0.47
N PRO B 14 -21.29 4.35 0.49
CA PRO B 14 -20.11 3.73 -0.08
C PRO B 14 -19.91 4.11 -1.54
N GLY B 15 -18.66 4.43 -1.89
CA GLY B 15 -18.31 4.82 -3.24
C GLY B 15 -17.89 6.27 -3.30
N ALA B 16 -18.45 7.08 -2.41
CA ALA B 16 -18.22 8.54 -2.38
C ALA B 16 -16.81 8.92 -1.95
N SER B 17 -16.52 10.22 -1.96
CA SER B 17 -15.25 10.73 -1.46
C SER B 17 -15.52 11.51 -0.18
N VAL B 18 -14.48 12.19 0.32
CA VAL B 18 -14.60 13.11 1.46
C VAL B 18 -13.27 13.85 1.61
N LYS B 19 -13.29 15.18 1.68
CA LYS B 19 -12.06 15.93 1.94
C LYS B 19 -12.14 16.53 3.34
N VAL B 20 -11.32 15.97 4.23
CA VAL B 20 -11.30 16.33 5.64
C VAL B 20 -10.24 17.42 5.87
N SER B 21 -10.67 18.56 6.39
CA SER B 21 -9.77 19.70 6.55
C SER B 21 -9.18 19.75 7.94
N CYS B 22 -8.08 20.50 8.08
CA CYS B 22 -7.35 20.65 9.33
C CYS B 22 -6.61 21.98 9.45
N LYS B 23 -7.26 22.96 10.08
CA LYS B 23 -6.72 24.31 10.19
C LYS B 23 -5.72 24.38 11.32
N ALA B 24 -4.46 24.55 10.95
CA ALA B 24 -3.37 24.58 11.91
C ALA B 24 -3.16 25.98 12.42
N SER B 25 -3.51 26.22 13.68
CA SER B 25 -3.24 27.51 14.29
C SER B 25 -2.05 27.38 15.22
N GLY B 26 -1.32 28.47 15.46
CA GLY B 26 -0.40 28.52 16.61
C GLY B 26 1.09 28.28 16.42
N TYR B 27 1.49 27.98 15.19
CA TYR B 27 2.91 27.82 14.86
C TYR B 27 3.21 28.16 13.42
N THR B 28 4.50 28.24 13.11
CA THR B 28 4.95 28.58 11.78
C THR B 28 4.75 27.38 10.79
N PHE B 29 3.60 27.39 10.12
CA PHE B 29 3.08 26.25 9.32
C PHE B 29 4.08 25.46 8.45
N THR B 30 4.73 26.15 7.49
CA THR B 30 5.63 25.54 6.50
C THR B 30 6.87 24.89 7.15
N SER B 31 6.79 24.69 8.46
CA SER B 31 7.92 24.24 9.24
C SER B 31 7.82 22.79 9.69
N HIS B 32 6.60 22.27 9.80
CA HIS B 32 6.45 20.91 10.34
C HIS B 32 5.64 19.97 9.45
N TRP B 33 6.12 18.74 9.33
CA TRP B 33 5.44 17.68 8.58
C TRP B 33 4.05 17.43 9.18
N MET B 34 3.03 17.36 8.32
CA MET B 34 1.67 17.06 8.78
C MET B 34 1.25 15.58 8.54
N HIS B 35 0.82 14.91 9.60
CA HIS B 35 0.48 13.47 9.55
C HIS B 35 -1.03 13.21 9.56
N TRP B 36 -1.46 12.02 9.15
CA TRP B 36 -2.85 11.62 9.29
C TRP B 36 -2.92 10.23 9.87
N VAL B 37 -3.60 10.07 10.99
CA VAL B 37 -3.77 8.78 11.66
C VAL B 37 -5.23 8.39 11.72
N ARG B 38 -5.51 7.13 11.43
CA ARG B 38 -6.88 6.65 11.43
C ARG B 38 -7.18 5.79 12.65
N GLN B 39 -8.35 6.00 13.24
CA GLN B 39 -8.78 5.17 14.36
C GLN B 39 -10.19 4.63 14.20
N ALA B 40 -10.24 3.35 13.81
CA ALA B 40 -11.48 2.55 13.72
C ALA B 40 -12.08 2.46 15.12
N PRO B 41 -13.41 2.56 15.23
CA PRO B 41 -14.00 2.69 16.56
C PRO B 41 -13.81 1.45 17.46
N GLY B 42 -13.46 1.72 18.72
CA GLY B 42 -13.16 0.69 19.70
C GLY B 42 -11.84 0.02 19.38
N GLN B 43 -11.02 0.70 18.56
CA GLN B 43 -9.85 0.08 17.98
C GLN B 43 -8.61 0.96 17.98
N GLY B 44 -7.48 0.34 17.67
CA GLY B 44 -6.17 1.01 17.66
C GLY B 44 -5.90 1.96 16.51
N LEU B 45 -4.70 2.52 16.52
CA LEU B 45 -4.31 3.59 15.62
C LEU B 45 -3.57 3.03 14.42
N GLU B 46 -3.92 3.52 13.24
CA GLU B 46 -3.22 3.15 12.01
C GLU B 46 -2.78 4.43 11.28
N TRP B 47 -1.52 4.45 10.87
CA TRP B 47 -0.91 5.61 10.26
C TRP B 47 -1.17 5.60 8.77
N ILE B 48 -1.61 6.73 8.23
CA ILE B 48 -1.97 6.86 6.80
C ILE B 48 -0.86 7.51 5.98
N GLY B 49 -0.05 8.34 6.63
CA GLY B 49 1.01 9.07 5.91
C GLY B 49 1.33 10.45 6.45
N GLU B 50 2.36 11.06 5.87
CA GLU B 50 2.84 12.38 6.24
C GLU B 50 2.97 13.29 5.02
N PHE B 51 2.95 14.61 5.26
CA PHE B 51 3.10 15.61 4.20
C PHE B 51 4.05 16.71 4.69
N ASN B 52 5.06 17.03 3.89
CA ASN B 52 5.98 18.14 4.19
C ASN B 52 5.41 19.42 3.58
N PRO B 53 4.70 20.24 4.38
CA PRO B 53 3.91 21.33 3.80
C PRO B 53 4.78 22.39 3.17
N SER B 54 6.11 22.24 3.32
CA SER B 54 7.07 23.21 2.82
C SER B 54 7.55 22.90 1.39
N ASN B 55 7.79 21.61 1.11
CA ASN B 55 8.23 21.22 -0.23
C ASN B 55 7.22 20.34 -1.00
N GLY B 56 6.32 19.68 -0.29
CA GLY B 56 5.23 18.96 -0.94
C GLY B 56 5.46 17.47 -1.07
N ARG B 57 6.56 17.01 -0.48
CA ARG B 57 6.92 15.60 -0.47
C ARG B 57 5.91 14.79 0.38
N THR B 58 5.75 13.52 0.09
CA THR B 58 4.73 12.72 0.78
C THR B 58 5.11 11.28 1.01
N ASN B 59 4.78 10.76 2.19
CA ASN B 59 5.02 9.36 2.54
C ASN B 59 3.78 8.65 3.08
N TYR B 60 3.22 7.74 2.28
CA TYR B 60 2.03 6.98 2.68
C TYR B 60 2.43 5.60 3.20
N ASN B 61 1.54 5.03 3.99
CA ASN B 61 1.66 3.67 4.44
C ASN B 61 1.09 2.80 3.35
N GLU B 62 1.71 1.64 3.13
CA GLU B 62 1.28 0.71 2.09
C GLU B 62 -0.22 0.80 1.76
N LYS B 63 -1.06 0.32 2.68
CA LYS B 63 -2.52 0.22 2.48
C LYS B 63 -3.19 1.44 1.85
N PHE B 64 -2.71 2.65 2.18
CA PHE B 64 -3.47 3.86 1.87
C PHE B 64 -3.12 4.60 0.59
N LYS B 65 -2.02 4.22 -0.06
CA LYS B 65 -1.62 4.86 -1.33
C LYS B 65 -2.83 5.06 -2.25
N SER B 66 -3.59 4.00 -2.47
CA SER B 66 -4.78 4.06 -3.34
C SER B 66 -5.91 4.94 -2.75
N LYS B 67 -6.39 4.61 -1.54
CA LYS B 67 -7.50 5.35 -0.90
C LYS B 67 -7.19 6.84 -0.75
N ALA B 68 -6.32 7.15 0.22
CA ALA B 68 -6.05 8.54 0.65
C ALA B 68 -5.17 9.32 -0.31
N THR B 69 -5.37 10.64 -0.34
CA THR B 69 -4.43 11.58 -0.98
C THR B 69 -4.27 12.84 -0.12
N MET B 70 -3.02 13.22 0.15
CA MET B 70 -2.69 14.31 1.07
C MET B 70 -2.34 15.59 0.33
N THR B 71 -2.97 16.70 0.71
CA THR B 71 -2.74 18.02 0.10
C THR B 71 -2.79 19.14 1.15
N VAL B 72 -2.33 20.32 0.75
CA VAL B 72 -2.11 21.43 1.67
C VAL B 72 -2.41 22.76 0.97
N ASP B 73 -2.78 23.77 1.75
CA ASP B 73 -2.98 25.10 1.21
C ASP B 73 -2.31 26.08 2.17
N THR B 74 -1.00 26.25 1.97
CA THR B 74 -0.13 27.09 2.79
C THR B 74 -0.61 28.54 2.98
N SER B 75 -1.26 29.08 1.95
CA SER B 75 -1.93 30.39 1.97
C SER B 75 -2.85 30.57 3.18
N THR B 76 -3.49 29.47 3.60
CA THR B 76 -4.42 29.53 4.72
C THR B 76 -4.19 28.46 5.80
N ASN B 77 -2.92 28.07 5.96
CA ASN B 77 -2.48 27.15 7.02
C ASN B 77 -3.48 26.04 7.29
N THR B 78 -3.67 25.20 6.28
CA THR B 78 -4.66 24.14 6.35
C THR B 78 -4.22 22.95 5.49
N ALA B 79 -4.31 21.75 6.08
CA ALA B 79 -3.95 20.50 5.41
C ALA B 79 -5.18 19.63 5.23
N TYR B 80 -5.22 18.94 4.09
CA TYR B 80 -6.38 18.16 3.70
C TYR B 80 -5.98 16.70 3.55
N MET B 81 -6.98 15.82 3.56
CA MET B 81 -6.79 14.38 3.41
C MET B 81 -8.04 13.82 2.78
N GLU B 82 -7.93 13.44 1.50
CA GLU B 82 -9.10 13.01 0.73
C GLU B 82 -9.12 11.50 0.52
N LEU B 83 -10.27 10.90 0.81
CA LEU B 83 -10.44 9.46 0.72
C LEU B 83 -11.27 9.03 -0.47
N SER B 84 -10.69 8.11 -1.27
CA SER B 84 -11.28 7.54 -2.49
C SER B 84 -12.25 6.39 -2.19
N SER B 85 -12.84 5.82 -3.26
CA SER B 85 -13.62 4.57 -3.20
C SER B 85 -14.00 4.17 -1.77
N LEU B 86 -14.93 4.94 -1.17
CA LEU B 86 -15.26 4.83 0.25
C LEU B 86 -15.95 3.52 0.58
N ARG B 87 -15.47 2.86 1.62
CA ARG B 87 -15.94 1.53 1.95
C ARG B 87 -16.43 1.50 3.40
N SER B 88 -17.38 0.61 3.69
CA SER B 88 -17.83 0.34 5.05
C SER B 88 -16.70 0.20 6.08
N GLU B 89 -15.46 0.02 5.61
CA GLU B 89 -14.31 -0.18 6.49
C GLU B 89 -13.53 1.12 6.78
N ASP B 90 -13.98 2.22 6.18
CA ASP B 90 -13.31 3.51 6.33
C ASP B 90 -13.92 4.34 7.47
N THR B 91 -14.93 3.76 8.13
CA THR B 91 -15.57 4.42 9.25
C THR B 91 -14.57 4.47 10.38
N ALA B 92 -14.12 5.68 10.67
CA ALA B 92 -13.19 5.89 11.76
C ALA B 92 -12.93 7.37 12.00
N VAL B 93 -12.26 7.64 13.12
CA VAL B 93 -11.84 8.97 13.48
C VAL B 93 -10.54 9.25 12.73
N TYR B 94 -10.56 10.32 11.95
CA TYR B 94 -9.36 10.75 11.26
C TYR B 94 -8.71 11.94 11.97
N TYR B 95 -7.50 11.69 12.47
CA TYR B 95 -6.75 12.67 13.22
C TYR B 95 -5.70 13.22 12.29
N CYS B 96 -5.42 14.50 12.41
CA CYS B 96 -4.21 15.02 11.82
C CYS B 96 -3.30 15.41 12.98
N ALA B 97 -2.00 15.46 12.72
CA ALA B 97 -1.02 15.65 13.79
C ALA B 97 0.30 16.15 13.22
N SER B 98 0.81 17.25 13.78
CA SER B 98 2.03 17.85 13.28
C SER B 98 3.21 17.24 14.01
N ARG B 99 3.91 16.32 13.36
CA ARG B 99 4.93 15.52 14.03
C ARG B 99 6.22 15.54 13.23
N ASP B 100 7.33 15.67 13.94
CA ASP B 100 8.48 16.37 13.40
C ASP B 100 9.60 16.36 14.40
N TYR B 101 10.77 16.76 13.94
CA TYR B 101 11.92 16.98 14.81
C TYR B 101 12.30 18.44 14.77
N ASP B 102 12.44 19.07 15.95
CA ASP B 102 12.92 20.45 16.05
C ASP B 102 14.37 20.60 15.60
N TYR B 103 14.69 21.79 15.09
CA TYR B 103 16.07 22.17 14.76
C TYR B 103 16.95 21.93 16.00
N ALA B 104 16.35 22.19 17.18
CA ALA B 104 16.90 21.86 18.51
C ALA B 104 17.20 20.37 18.72
N GLY B 105 16.69 19.50 17.84
CA GLY B 105 16.88 18.07 17.98
C GLY B 105 15.72 17.39 18.68
N ARG B 106 15.04 18.14 19.56
CA ARG B 106 13.88 17.66 20.33
C ARG B 106 12.71 17.30 19.40
N TYR B 107 11.77 16.50 19.87
CA TYR B 107 10.61 16.11 19.04
C TYR B 107 9.43 17.10 19.12
N PHE B 108 8.63 17.16 18.05
CA PHE B 108 7.49 18.09 17.95
C PHE B 108 6.18 17.33 17.64
N ASP B 109 5.10 17.65 18.35
CA ASP B 109 3.99 16.70 18.39
C ASP B 109 2.68 17.35 18.82
N TYR B 110 1.75 17.53 17.88
CA TYR B 110 0.44 18.12 18.21
C TYR B 110 -0.65 17.53 17.33
N TRP B 111 -1.85 17.41 17.89
CA TRP B 111 -2.91 16.59 17.32
C TRP B 111 -4.22 17.30 17.19
N GLY B 112 -5.02 16.91 16.21
CA GLY B 112 -6.36 17.46 16.04
C GLY B 112 -7.35 16.81 16.98
N GLN B 113 -8.61 17.21 16.90
CA GLN B 113 -9.63 16.61 17.76
C GLN B 113 -10.18 15.41 17.03
N GLY B 114 -9.68 15.22 15.81
CA GLY B 114 -10.12 14.13 14.94
C GLY B 114 -11.44 14.45 14.27
N THR B 115 -11.66 13.90 13.09
CA THR B 115 -12.89 14.11 12.35
C THR B 115 -13.50 12.74 12.13
N LEU B 116 -14.71 12.54 12.64
CA LEU B 116 -15.37 11.26 12.45
C LEU B 116 -15.94 11.16 11.06
N VAL B 117 -15.66 10.04 10.40
CA VAL B 117 -16.31 9.75 9.14
C VAL B 117 -17.07 8.42 9.21
N THR B 118 -18.38 8.50 9.03
CA THR B 118 -19.24 7.31 9.01
C THR B 118 -19.56 6.98 7.57
N VAL B 119 -19.23 5.74 7.18
CA VAL B 119 -19.66 5.20 5.89
C VAL B 119 -20.88 4.34 6.16
N SER B 120 -22.04 4.80 5.69
CA SER B 120 -23.26 3.99 5.79
C SER B 120 -24.29 4.35 4.72
N SER B 121 -25.26 3.45 4.56
CA SER B 121 -26.28 3.59 3.54
C SER B 121 -27.55 4.17 4.16
N ALA B 122 -27.40 5.33 4.82
CA ALA B 122 -28.48 5.89 5.64
C ALA B 122 -28.28 7.37 5.84
N SER B 123 -29.41 8.05 6.01
CA SER B 123 -29.53 9.51 5.92
C SER B 123 -29.49 10.22 7.28
N THR B 124 -28.90 11.41 7.30
CA THR B 124 -28.70 12.21 8.51
C THR B 124 -30.02 12.73 9.09
N LYS B 125 -30.23 12.47 10.38
CA LYS B 125 -31.38 12.94 11.15
C LYS B 125 -30.85 13.54 12.44
N GLY B 126 -31.18 14.81 12.68
CA GLY B 126 -30.90 15.47 13.97
C GLY B 126 -31.65 14.87 15.17
N PRO B 127 -31.20 15.21 16.39
CA PRO B 127 -31.82 14.60 17.57
C PRO B 127 -32.93 15.46 18.16
N SER B 128 -33.74 14.84 19.03
CA SER B 128 -34.69 15.56 19.88
C SER B 128 -34.15 15.53 21.33
N VAL B 129 -34.19 16.66 22.02
CA VAL B 129 -33.60 16.75 23.37
C VAL B 129 -34.64 16.82 24.51
N PHE B 130 -34.67 15.82 25.38
CA PHE B 130 -35.64 15.81 26.46
C PHE B 130 -34.96 15.86 27.84
N PRO B 131 -35.33 16.87 28.67
CA PRO B 131 -34.87 16.98 30.05
C PRO B 131 -35.03 15.70 30.87
N LEU B 132 -34.24 15.60 31.92
CA LEU B 132 -34.36 14.56 32.93
C LEU B 132 -34.35 15.30 34.25
N ALA B 133 -35.54 15.63 34.74
CA ALA B 133 -35.72 16.56 35.85
C ALA B 133 -35.23 16.05 37.20
N PRO B 134 -34.70 16.96 38.05
CA PRO B 134 -34.18 16.69 39.39
C PRO B 134 -35.09 15.74 40.18
N SER B 135 -34.47 14.79 40.87
CA SER B 135 -35.21 13.66 41.46
C SER B 135 -35.88 13.96 42.81
N GLY B 142 -29.09 15.61 50.58
CA GLY B 142 -27.71 15.47 50.08
C GLY B 142 -27.51 15.98 48.67
N THR B 143 -27.36 15.06 47.72
CA THR B 143 -27.06 15.41 46.32
C THR B 143 -28.26 15.11 45.42
N ALA B 144 -28.47 15.97 44.42
CA ALA B 144 -29.51 15.74 43.40
C ALA B 144 -28.86 15.55 42.04
N ALA B 145 -29.40 14.61 41.25
CA ALA B 145 -28.95 14.43 39.87
C ALA B 145 -29.99 14.85 38.85
N LEU B 146 -29.53 15.57 37.82
CA LEU B 146 -30.35 15.92 36.67
C LEU B 146 -29.60 15.55 35.38
N GLY B 147 -30.13 15.94 34.23
CA GLY B 147 -29.49 15.61 32.97
C GLY B 147 -30.28 15.92 31.72
N CYS B 148 -29.79 15.40 30.60
CA CYS B 148 -30.42 15.54 29.29
C CYS B 148 -30.45 14.21 28.55
N LEU B 149 -31.53 13.96 27.82
CA LEU B 149 -31.63 12.80 26.94
C LEU B 149 -31.63 13.25 25.48
N VAL B 150 -30.55 12.92 24.76
CA VAL B 150 -30.42 13.27 23.34
C VAL B 150 -30.80 12.09 22.43
N LYS B 151 -32.11 11.92 22.20
CA LYS B 151 -32.63 10.75 21.48
C LYS B 151 -32.81 10.95 19.96
N ASP B 152 -32.57 9.87 19.21
CA ASP B 152 -32.88 9.74 17.76
C ASP B 152 -32.10 10.67 16.80
N TYR B 153 -30.93 10.19 16.38
CA TYR B 153 -30.07 10.90 15.43
C TYR B 153 -29.15 9.90 14.73
N PHE B 154 -28.53 10.35 13.65
CA PHE B 154 -27.52 9.60 12.91
C PHE B 154 -26.78 10.63 12.08
N PRO B 155 -25.44 10.52 11.99
CA PRO B 155 -24.56 9.52 12.59
C PRO B 155 -23.95 10.05 13.87
N GLU B 156 -23.11 9.26 14.51
CA GLU B 156 -22.27 9.79 15.57
C GLU B 156 -21.46 10.91 14.92
N PRO B 157 -20.96 11.90 15.71
CA PRO B 157 -21.05 12.08 17.14
C PRO B 157 -21.94 13.25 17.52
N VAL B 158 -22.23 13.34 18.80
CA VAL B 158 -22.95 14.46 19.35
C VAL B 158 -22.13 15.08 20.48
N THR B 159 -22.30 16.38 20.68
CA THR B 159 -21.60 17.10 21.74
C THR B 159 -22.62 17.43 22.84
N VAL B 160 -22.23 17.23 24.09
CA VAL B 160 -23.03 17.69 25.21
C VAL B 160 -22.19 18.37 26.28
N SER B 161 -22.45 19.65 26.49
CA SER B 161 -21.76 20.46 27.50
C SER B 161 -22.81 21.12 28.37
N TRP B 162 -22.43 21.45 29.60
CA TRP B 162 -23.37 22.03 30.53
C TRP B 162 -23.12 23.49 30.86
N ASN B 163 -24.22 24.19 31.15
CA ASN B 163 -24.27 25.65 31.14
C ASN B 163 -23.64 26.19 29.85
N SER B 164 -22.32 26.34 29.79
CA SER B 164 -21.68 26.40 28.48
C SER B 164 -20.19 26.13 28.57
N GLY B 165 -19.86 24.86 28.84
CA GLY B 165 -18.50 24.49 29.22
C GLY B 165 -18.06 25.28 30.45
N ALA B 166 -19.02 25.58 31.31
CA ALA B 166 -18.76 26.36 32.50
C ALA B 166 -18.89 25.45 33.72
N LEU B 167 -19.77 24.46 33.63
CA LEU B 167 -19.90 23.41 34.65
C LEU B 167 -19.35 22.13 34.07
N THR B 168 -18.40 21.50 34.77
CA THR B 168 -17.80 20.27 34.29
C THR B 168 -17.57 19.23 35.40
N SER B 169 -17.59 19.66 36.65
CA SER B 169 -17.36 18.76 37.78
C SER B 169 -18.56 17.86 37.96
N GLY B 170 -18.39 16.57 37.72
CA GLY B 170 -19.43 15.59 38.00
C GLY B 170 -20.47 15.40 36.90
N VAL B 171 -20.12 15.77 35.68
CA VAL B 171 -20.97 15.39 34.56
C VAL B 171 -20.52 14.03 34.03
N HIS B 172 -21.49 13.24 33.60
CA HIS B 172 -21.21 12.01 32.90
C HIS B 172 -22.02 12.01 31.62
N THR B 173 -21.37 12.35 30.51
CA THR B 173 -21.96 12.16 29.18
C THR B 173 -21.67 10.73 28.72
N PHE B 174 -22.72 9.95 28.52
CA PHE B 174 -22.60 8.51 28.28
C PHE B 174 -22.31 8.09 26.83
N PRO B 175 -21.81 6.86 26.65
CA PRO B 175 -21.67 6.30 25.31
C PRO B 175 -23.04 6.18 24.64
N ALA B 176 -23.13 6.66 23.40
CA ALA B 176 -24.36 6.57 22.61
C ALA B 176 -24.75 5.12 22.42
N VAL B 177 -26.03 4.85 22.18
CA VAL B 177 -26.46 3.49 21.82
C VAL B 177 -27.30 3.45 20.56
N LEU B 178 -26.85 2.66 19.59
CA LEU B 178 -27.61 2.35 18.39
C LEU B 178 -28.92 1.64 18.75
N GLN B 179 -30.04 2.27 18.43
CA GLN B 179 -31.34 1.69 18.73
C GLN B 179 -31.73 0.67 17.67
N SER B 180 -32.61 -0.24 18.06
CA SER B 180 -33.27 -1.16 17.15
C SER B 180 -33.77 -0.45 15.88
N SER B 181 -34.12 0.83 16.02
CA SER B 181 -34.59 1.66 14.91
C SER B 181 -33.51 1.88 13.86
N GLY B 182 -32.27 2.02 14.30
CA GLY B 182 -31.18 2.36 13.41
C GLY B 182 -30.71 3.75 13.72
N LEU B 183 -31.15 4.25 14.86
CA LEU B 183 -30.78 5.58 15.32
C LEU B 183 -30.15 5.54 16.72
N TYR B 184 -29.14 6.39 16.92
CA TYR B 184 -28.44 6.47 18.19
C TYR B 184 -29.21 7.33 19.20
N SER B 185 -28.91 7.11 20.47
CA SER B 185 -29.51 7.81 21.59
C SER B 185 -28.54 7.78 22.77
N LEU B 186 -28.50 8.89 23.52
CA LEU B 186 -27.45 9.10 24.50
C LEU B 186 -27.98 9.94 25.65
N SER B 187 -27.33 9.84 26.81
CA SER B 187 -27.74 10.63 27.95
C SER B 187 -26.54 11.26 28.62
N SER B 188 -26.70 12.50 29.04
CA SER B 188 -25.69 13.24 29.78
C SER B 188 -26.30 13.68 31.09
N VAL B 189 -25.64 13.35 32.18
CA VAL B 189 -26.14 13.65 33.51
C VAL B 189 -25.11 14.43 34.32
N VAL B 190 -25.57 15.33 35.20
CA VAL B 190 -24.72 16.05 36.14
C VAL B 190 -25.22 15.81 37.55
N THR B 191 -24.29 15.68 38.48
CA THR B 191 -24.61 15.64 39.89
C THR B 191 -24.33 17.01 40.50
N VAL B 192 -25.32 17.54 41.22
CA VAL B 192 -25.22 18.85 41.85
C VAL B 192 -25.78 18.90 43.29
N PRO B 193 -25.32 19.89 44.08
CA PRO B 193 -25.99 20.27 45.32
C PRO B 193 -27.47 20.59 45.07
N SER B 194 -28.35 19.84 45.75
CA SER B 194 -29.79 20.11 45.72
C SER B 194 -30.14 21.53 46.18
N SER B 195 -29.23 22.16 46.93
CA SER B 195 -29.32 23.58 47.26
C SER B 195 -29.48 24.46 46.02
N SER B 196 -28.64 24.19 45.00
CA SER B 196 -28.60 25.04 43.78
C SER B 196 -29.88 25.02 42.94
N LEU B 197 -30.56 23.87 42.91
CA LEU B 197 -31.83 23.71 42.19
C LEU B 197 -32.70 24.98 42.23
N GLY B 198 -32.82 25.56 43.42
CA GLY B 198 -33.54 26.81 43.58
C GLY B 198 -32.89 27.97 42.84
N THR B 199 -31.71 28.37 43.30
CA THR B 199 -31.04 29.58 42.79
C THR B 199 -30.41 29.43 41.38
N GLN B 200 -30.16 28.19 40.95
CA GLN B 200 -29.38 27.93 39.74
C GLN B 200 -30.17 27.38 38.55
N THR B 201 -29.86 27.93 37.38
CA THR B 201 -30.35 27.42 36.10
C THR B 201 -29.34 26.38 35.57
N TYR B 202 -29.84 25.25 35.08
CA TYR B 202 -28.99 24.24 34.44
C TYR B 202 -29.36 24.02 32.98
N ILE B 203 -28.42 24.30 32.10
CA ILE B 203 -28.67 24.12 30.67
C ILE B 203 -27.70 23.12 30.04
N CYS B 204 -28.22 22.24 29.19
CA CYS B 204 -27.32 21.41 28.38
C CYS B 204 -27.17 21.99 26.99
N ASN B 205 -25.97 21.91 26.46
CA ASN B 205 -25.70 22.39 25.11
C ASN B 205 -25.39 21.22 24.22
N VAL B 206 -26.34 20.90 23.35
CA VAL B 206 -26.25 19.78 22.46
C VAL B 206 -25.97 20.26 21.04
N ASN B 207 -24.81 19.90 20.49
CA ASN B 207 -24.59 20.07 19.08
C ASN B 207 -24.40 18.75 18.38
N HIS B 208 -25.24 18.51 17.36
CA HIS B 208 -25.05 17.44 16.39
C HIS B 208 -24.70 18.12 15.08
N LYS B 209 -23.41 18.27 14.82
CA LYS B 209 -22.92 19.06 13.68
C LYS B 209 -23.41 18.56 12.32
N PRO B 210 -23.41 17.22 12.09
CA PRO B 210 -23.79 16.64 10.79
C PRO B 210 -25.20 17.01 10.33
N SER B 211 -26.06 17.37 11.27
CA SER B 211 -27.43 17.81 10.96
C SER B 211 -27.60 19.33 11.16
N ASN B 212 -26.49 19.99 11.53
CA ASN B 212 -26.49 21.39 11.96
C ASN B 212 -27.56 21.74 13.00
N THR B 213 -27.96 20.75 13.78
CA THR B 213 -28.83 20.94 14.94
C THR B 213 -27.97 21.35 16.15
N LYS B 214 -28.23 22.53 16.69
CA LYS B 214 -27.57 23.02 17.92
C LYS B 214 -28.67 23.48 18.88
N VAL B 215 -28.79 22.79 20.02
CA VAL B 215 -29.89 23.03 20.96
C VAL B 215 -29.42 23.32 22.39
N ASP B 216 -30.19 24.11 23.12
CA ASP B 216 -29.97 24.35 24.55
C ASP B 216 -31.27 24.13 25.25
N LYS B 217 -31.36 23.09 26.06
CA LYS B 217 -32.56 22.81 26.83
C LYS B 217 -32.30 23.10 28.30
N LYS B 218 -33.14 23.93 28.91
CA LYS B 218 -33.08 24.17 30.35
C LYS B 218 -33.65 22.95 31.06
N VAL B 219 -32.95 22.46 32.07
CA VAL B 219 -33.43 21.34 32.85
C VAL B 219 -33.93 21.80 34.23
N GLU B 220 -35.24 21.70 34.43
CA GLU B 220 -35.89 22.21 35.65
C GLU B 220 -36.55 21.08 36.43
N PRO B 221 -36.74 21.26 37.76
CA PRO B 221 -37.55 20.31 38.54
C PRO B 221 -39.04 20.60 38.40
N LYS B 222 -39.79 19.64 37.86
CA LYS B 222 -41.22 19.87 37.58
C LYS B 222 -42.11 18.88 38.31
N LYS C 4 -23.44 14.44 -8.29
CA LYS C 4 -24.07 15.40 -7.35
C LYS C 4 -25.19 14.77 -6.50
N LYS C 5 -25.63 13.56 -6.86
CA LYS C 5 -26.59 12.82 -6.01
C LYS C 5 -26.33 11.32 -5.99
N VAL C 6 -25.98 10.81 -4.82
CA VAL C 6 -25.62 9.40 -4.66
C VAL C 6 -26.71 8.65 -3.90
N CYS C 7 -27.40 7.74 -4.58
CA CYS C 7 -28.53 7.03 -3.97
C CYS C 7 -28.27 5.56 -3.80
N ASN C 8 -28.74 5.03 -2.67
CA ASN C 8 -28.72 3.61 -2.40
C ASN C 8 -29.37 2.81 -3.52
N GLY C 9 -28.74 1.72 -3.93
CA GLY C 9 -29.22 0.93 -5.07
C GLY C 9 -30.06 -0.26 -4.66
N ILE C 10 -30.40 -1.10 -5.63
CA ILE C 10 -31.14 -2.31 -5.29
C ILE C 10 -30.30 -3.22 -4.40
N GLY C 11 -30.91 -3.68 -3.30
CA GLY C 11 -30.22 -4.54 -2.36
C GLY C 11 -29.60 -3.77 -1.21
N ILE C 12 -29.66 -2.43 -1.27
CA ILE C 12 -29.12 -1.57 -0.20
C ILE C 12 -30.24 -0.88 0.56
N GLY C 13 -30.14 -0.85 1.89
CA GLY C 13 -31.08 -0.12 2.75
C GLY C 13 -32.54 -0.36 2.46
N GLU C 14 -33.24 0.72 2.10
CA GLU C 14 -34.66 0.71 1.73
C GLU C 14 -35.00 -0.26 0.60
N PHE C 15 -33.97 -0.84 0.01
CA PHE C 15 -34.13 -1.76 -1.11
C PHE C 15 -33.49 -3.10 -0.80
N LYS C 16 -33.08 -3.30 0.44
CA LYS C 16 -32.33 -4.51 0.84
C LYS C 16 -33.03 -5.81 0.43
N ASP C 17 -34.37 -5.79 0.40
CA ASP C 17 -35.12 -6.96 -0.04
C ASP C 17 -36.01 -6.65 -1.25
N SER C 18 -35.65 -5.60 -1.99
CA SER C 18 -36.23 -5.33 -3.31
C SER C 18 -35.48 -6.15 -4.33
N LEU C 19 -36.15 -7.12 -4.94
CA LEU C 19 -35.52 -7.98 -5.94
C LEU C 19 -35.19 -7.23 -7.23
N SER C 20 -35.91 -6.13 -7.50
CA SER C 20 -35.79 -5.42 -8.76
C SER C 20 -36.28 -3.98 -8.71
N ILE C 21 -35.82 -3.15 -9.65
CA ILE C 21 -36.40 -1.84 -9.87
C ILE C 21 -37.86 -2.03 -10.26
N ASN C 22 -38.77 -1.25 -9.67
CA ASN C 22 -40.17 -1.31 -10.07
C ASN C 22 -40.96 -0.01 -9.87
N ALA C 23 -42.25 -0.12 -10.15
CA ALA C 23 -43.22 0.95 -9.95
C ALA C 23 -43.03 1.60 -8.59
N THR C 24 -43.13 0.81 -7.52
CA THR C 24 -42.96 1.34 -6.18
C THR C 24 -41.73 2.23 -6.05
N ASN C 25 -40.56 1.71 -6.41
CA ASN C 25 -39.30 2.40 -6.13
C ASN C 25 -38.68 3.27 -7.23
N ILE C 26 -38.97 3.00 -8.51
CA ILE C 26 -38.38 3.78 -9.62
C ILE C 26 -38.41 5.30 -9.38
N LYS C 27 -39.48 5.75 -8.70
CA LYS C 27 -39.62 7.14 -8.25
C LYS C 27 -38.39 7.60 -7.43
N HIS C 28 -37.95 6.73 -6.52
CA HIS C 28 -36.84 7.00 -5.60
C HIS C 28 -35.49 7.19 -6.26
N PHE C 29 -35.48 7.41 -7.58
CA PHE C 29 -34.23 7.58 -8.32
C PHE C 29 -34.09 8.90 -9.08
N LYS C 30 -35.06 9.82 -8.93
CA LYS C 30 -34.99 11.09 -9.68
C LYS C 30 -33.68 11.85 -9.38
N ASN C 31 -33.02 12.30 -10.44
CA ASN C 31 -31.79 13.10 -10.39
C ASN C 31 -30.55 12.37 -9.87
N CYS C 32 -30.62 11.06 -9.75
CA CYS C 32 -29.48 10.25 -9.33
C CYS C 32 -28.32 10.35 -10.31
N THR C 33 -27.19 10.84 -9.83
CA THR C 33 -25.97 10.95 -10.61
C THR C 33 -25.23 9.62 -10.55
N SER C 34 -25.10 9.13 -9.33
CA SER C 34 -24.35 7.92 -9.04
C SER C 34 -25.19 7.01 -8.18
N ILE C 35 -25.05 5.71 -8.42
CA ILE C 35 -25.82 4.68 -7.71
C ILE C 35 -24.94 3.80 -6.84
N SER C 36 -25.03 3.99 -5.53
CA SER C 36 -24.30 3.17 -4.58
C SER C 36 -25.02 1.83 -4.38
N GLY C 37 -24.58 0.81 -5.10
CA GLY C 37 -25.28 -0.49 -5.11
C GLY C 37 -25.45 -1.04 -6.51
N ASP C 38 -26.45 -1.90 -6.69
CA ASP C 38 -26.70 -2.53 -7.99
C ASP C 38 -27.99 -2.05 -8.60
N LEU C 39 -28.12 -2.25 -9.90
CA LEU C 39 -29.40 -2.09 -10.58
C LEU C 39 -29.85 -3.42 -11.13
N HIS C 40 -30.90 -3.97 -10.56
CA HIS C 40 -31.54 -5.12 -11.15
C HIS C 40 -32.77 -4.61 -11.88
N ILE C 41 -32.83 -4.82 -13.19
CA ILE C 41 -34.11 -4.71 -13.88
C ILE C 41 -34.52 -6.13 -14.34
N LEU C 42 -35.48 -6.72 -13.63
CA LEU C 42 -35.85 -8.11 -13.86
C LEU C 42 -37.32 -8.24 -14.32
N PRO C 43 -37.64 -9.26 -15.15
CA PRO C 43 -38.99 -9.55 -15.67
C PRO C 43 -40.21 -9.28 -14.77
N VAL C 44 -40.06 -9.25 -13.46
CA VAL C 44 -41.21 -8.98 -12.60
C VAL C 44 -41.41 -7.47 -12.40
N ALA C 45 -40.46 -6.69 -12.90
CA ALA C 45 -40.61 -5.25 -12.93
C ALA C 45 -41.78 -4.91 -13.84
N PHE C 46 -41.79 -5.56 -14.99
CA PHE C 46 -42.78 -5.29 -16.00
C PHE C 46 -44.08 -6.06 -15.76
N ARG C 47 -44.00 -7.23 -15.15
CA ARG C 47 -45.20 -8.02 -14.90
C ARG C 47 -45.96 -7.55 -13.66
N GLY C 48 -45.26 -6.87 -12.74
CA GLY C 48 -45.81 -6.55 -11.41
C GLY C 48 -45.75 -7.74 -10.47
N ASP C 49 -45.89 -7.48 -9.17
CA ASP C 49 -45.84 -8.56 -8.18
C ASP C 49 -46.97 -8.49 -7.14
N SER C 50 -47.81 -9.52 -7.16
CA SER C 50 -48.90 -9.68 -6.21
C SER C 50 -48.39 -9.88 -4.80
N PHE C 51 -47.60 -10.94 -4.62
CA PHE C 51 -47.12 -11.39 -3.30
C PHE C 51 -46.42 -10.29 -2.49
N THR C 52 -46.06 -9.19 -3.14
CA THR C 52 -45.49 -8.05 -2.43
C THR C 52 -46.26 -6.78 -2.79
N HIS C 53 -47.41 -6.96 -3.44
CA HIS C 53 -48.29 -5.85 -3.85
C HIS C 53 -47.55 -4.75 -4.64
N THR C 54 -47.07 -5.12 -5.82
CA THR C 54 -46.31 -4.23 -6.68
C THR C 54 -46.94 -4.08 -8.07
N PRO C 55 -47.27 -2.84 -8.46
CA PRO C 55 -47.88 -2.63 -9.76
C PRO C 55 -46.89 -2.98 -10.85
N PRO C 56 -47.41 -3.38 -12.03
CA PRO C 56 -46.61 -3.41 -13.24
C PRO C 56 -45.96 -2.05 -13.47
N LEU C 57 -44.75 -2.06 -13.96
CA LEU C 57 -44.02 -0.82 -14.20
C LEU C 57 -44.40 -0.23 -15.55
N ASP C 58 -44.63 1.07 -15.56
CA ASP C 58 -44.82 1.81 -16.79
C ASP C 58 -43.43 2.10 -17.40
N PRO C 59 -43.14 1.51 -18.56
CA PRO C 59 -41.81 1.63 -19.15
C PRO C 59 -41.34 3.08 -19.27
N GLN C 60 -42.27 4.01 -19.45
CA GLN C 60 -41.92 5.41 -19.59
C GLN C 60 -41.02 5.84 -18.43
N GLU C 61 -41.33 5.34 -17.23
CA GLU C 61 -40.63 5.73 -15.99
C GLU C 61 -39.13 5.41 -15.99
N LEU C 62 -38.73 4.36 -16.72
CA LEU C 62 -37.32 3.95 -16.84
C LEU C 62 -36.45 5.09 -17.33
N ASP C 63 -37.07 6.09 -17.93
CA ASP C 63 -36.35 7.28 -18.36
C ASP C 63 -35.69 8.02 -17.20
N ILE C 64 -36.13 7.75 -15.97
CA ILE C 64 -35.56 8.38 -14.79
C ILE C 64 -34.10 8.00 -14.58
N LEU C 65 -33.76 6.78 -14.97
CA LEU C 65 -32.40 6.27 -14.81
C LEU C 65 -31.40 7.00 -15.72
N LYS C 66 -31.87 8.02 -16.43
CA LYS C 66 -31.06 8.67 -17.45
C LYS C 66 -29.94 9.44 -16.80
N THR C 67 -30.21 10.06 -15.67
CA THR C 67 -29.21 10.96 -15.04
C THR C 67 -27.98 10.24 -14.51
N VAL C 68 -28.07 8.92 -14.48
CA VAL C 68 -27.05 8.04 -13.90
C VAL C 68 -25.79 7.95 -14.75
N LYS C 69 -24.68 8.37 -14.16
CA LYS C 69 -23.40 8.36 -14.85
C LYS C 69 -22.47 7.26 -14.29
N GLU C 70 -22.87 6.68 -13.15
CA GLU C 70 -22.02 5.71 -12.44
C GLU C 70 -22.78 4.74 -11.53
N ILE C 71 -22.56 3.45 -11.75
CA ILE C 71 -23.08 2.41 -10.85
C ILE C 71 -21.93 1.79 -10.03
N THR C 72 -22.17 1.58 -8.74
CA THR C 72 -21.14 1.11 -7.82
C THR C 72 -20.93 -0.40 -7.93
N GLY C 73 -21.99 -1.16 -7.70
CA GLY C 73 -21.93 -2.62 -7.82
C GLY C 73 -21.97 -3.03 -9.28
N PHE C 74 -23.01 -3.77 -9.65
CA PHE C 74 -23.11 -4.31 -10.99
C PHE C 74 -24.45 -3.96 -11.56
N LEU C 75 -24.60 -4.22 -12.85
CA LEU C 75 -25.81 -3.90 -13.60
C LEU C 75 -26.40 -5.15 -14.25
N LEU C 76 -27.62 -5.47 -13.87
CA LEU C 76 -28.26 -6.65 -14.39
C LEU C 76 -29.62 -6.32 -14.99
N ILE C 77 -29.74 -6.56 -16.29
CA ILE C 77 -31.00 -6.36 -17.03
C ILE C 77 -31.46 -7.68 -17.64
N GLN C 78 -32.51 -8.27 -17.08
CA GLN C 78 -33.07 -9.49 -17.62
C GLN C 78 -34.41 -9.29 -18.36
N ALA C 79 -34.99 -8.09 -18.25
CA ALA C 79 -36.18 -7.73 -19.01
C ALA C 79 -36.10 -6.26 -19.43
N TRP C 80 -36.92 -5.88 -20.41
CA TRP C 80 -36.87 -4.55 -21.02
C TRP C 80 -38.11 -4.43 -21.90
N PRO C 81 -38.61 -3.18 -22.13
CA PRO C 81 -39.79 -2.96 -22.98
C PRO C 81 -39.54 -3.50 -24.39
N GLU C 82 -40.29 -4.55 -24.73
CA GLU C 82 -40.08 -5.30 -25.97
C GLU C 82 -39.97 -4.41 -27.20
N ASN C 83 -40.55 -3.22 -27.09
CA ASN C 83 -40.60 -2.31 -28.21
C ASN C 83 -39.57 -1.19 -28.19
N ARG C 84 -38.68 -1.18 -27.19
CA ARG C 84 -37.52 -0.27 -27.18
C ARG C 84 -36.29 -1.00 -27.74
N THR C 85 -35.62 -0.40 -28.73
CA THR C 85 -34.62 -1.10 -29.54
C THR C 85 -33.24 -1.12 -28.91
N ASP C 86 -33.09 -0.37 -27.82
CA ASP C 86 -31.81 -0.33 -27.14
C ASP C 86 -31.99 0.03 -25.68
N LEU C 87 -30.86 0.05 -24.98
CA LEU C 87 -30.81 0.44 -23.57
C LEU C 87 -30.73 1.95 -23.52
N HIS C 88 -31.86 2.57 -23.85
CA HIS C 88 -31.99 4.03 -23.96
C HIS C 88 -31.63 4.74 -22.67
N ALA C 89 -32.09 4.15 -21.56
CA ALA C 89 -32.07 4.79 -20.26
C ALA C 89 -30.66 4.95 -19.70
N PHE C 90 -29.75 4.13 -20.21
CA PHE C 90 -28.37 4.20 -19.72
C PHE C 90 -27.44 4.81 -20.76
N GLU C 91 -27.98 5.68 -21.61
CA GLU C 91 -27.17 6.35 -22.62
C GLU C 91 -26.13 7.29 -21.98
N ASN C 92 -26.37 7.70 -20.73
CA ASN C 92 -25.44 8.59 -20.03
C ASN C 92 -24.52 7.88 -19.03
N LEU C 93 -24.77 6.59 -18.82
CA LEU C 93 -23.88 5.75 -18.03
C LEU C 93 -22.47 5.85 -18.58
N GLU C 94 -21.53 6.08 -17.67
CA GLU C 94 -20.13 6.26 -17.99
C GLU C 94 -19.26 5.17 -17.38
N ILE C 95 -19.63 4.75 -16.16
CA ILE C 95 -18.82 3.77 -15.41
C ILE C 95 -19.55 2.83 -14.45
N ILE C 96 -19.45 1.52 -14.73
CA ILE C 96 -19.90 0.43 -13.85
C ILE C 96 -18.66 -0.08 -13.12
N ARG C 97 -18.74 -0.22 -11.81
CA ARG C 97 -17.55 -0.47 -11.02
C ARG C 97 -17.34 -1.91 -10.58
N GLY C 98 -18.40 -2.66 -10.39
CA GLY C 98 -18.24 -4.07 -10.06
C GLY C 98 -17.76 -4.37 -8.65
N ARG C 99 -17.69 -3.34 -7.79
CA ARG C 99 -17.36 -3.56 -6.37
C ARG C 99 -18.23 -4.66 -5.79
N THR C 100 -19.37 -4.91 -6.43
CA THR C 100 -20.14 -6.14 -6.23
C THR C 100 -20.54 -6.66 -7.63
N LYS C 101 -20.98 -7.91 -7.71
CA LYS C 101 -21.27 -8.52 -9.01
C LYS C 101 -22.26 -9.70 -8.92
N GLN C 102 -23.04 -9.87 -9.99
CA GLN C 102 -24.05 -10.92 -10.07
C GLN C 102 -23.44 -12.30 -9.95
N HIS C 103 -24.04 -13.13 -9.08
CA HIS C 103 -23.47 -14.43 -8.69
C HIS C 103 -21.98 -14.23 -8.37
N GLY C 104 -21.67 -13.04 -7.83
CA GLY C 104 -20.29 -12.60 -7.61
C GLY C 104 -19.38 -12.82 -8.80
N GLN C 105 -19.82 -12.42 -10.01
CA GLN C 105 -19.04 -12.64 -11.25
C GLN C 105 -19.23 -11.62 -12.42
N PHE C 106 -20.46 -11.29 -12.74
CA PHE C 106 -20.72 -10.42 -13.87
C PHE C 106 -21.23 -9.06 -13.40
N SER C 107 -20.61 -7.99 -13.87
CA SER C 107 -21.03 -6.66 -13.43
C SER C 107 -21.84 -5.91 -14.49
N LEU C 108 -21.78 -6.36 -15.74
CA LEU C 108 -22.73 -5.98 -16.78
C LEU C 108 -23.39 -7.26 -17.31
N ALA C 109 -24.70 -7.39 -17.08
CA ALA C 109 -25.45 -8.56 -17.54
C ALA C 109 -26.72 -8.18 -18.29
N VAL C 110 -26.68 -8.35 -19.61
CA VAL C 110 -27.81 -8.07 -20.51
C VAL C 110 -28.33 -9.40 -21.03
N VAL C 111 -29.41 -9.89 -20.44
CA VAL C 111 -29.85 -11.24 -20.74
C VAL C 111 -31.25 -11.29 -21.35
N SER C 112 -31.34 -11.79 -22.58
CA SER C 112 -32.62 -12.12 -23.22
C SER C 112 -33.51 -10.93 -23.55
N LEU C 113 -32.95 -9.93 -24.20
CA LEU C 113 -33.70 -8.72 -24.51
C LEU C 113 -34.07 -8.65 -25.97
N ASN C 114 -34.97 -7.73 -26.28
CA ASN C 114 -35.45 -7.54 -27.64
C ASN C 114 -34.62 -6.57 -28.47
N ILE C 115 -33.67 -5.92 -27.79
CA ILE C 115 -32.87 -4.82 -28.36
C ILE C 115 -32.13 -5.18 -29.66
N THR C 116 -31.75 -4.15 -30.40
CA THR C 116 -30.99 -4.31 -31.64
C THR C 116 -29.60 -3.80 -31.39
N SER C 117 -29.49 -2.78 -30.56
CA SER C 117 -28.21 -2.28 -30.09
C SER C 117 -28.18 -2.14 -28.56
N LEU C 118 -26.99 -2.06 -28.00
CA LEU C 118 -26.81 -1.79 -26.60
C LEU C 118 -27.11 -0.30 -26.32
N GLY C 119 -26.52 0.58 -27.12
CA GLY C 119 -26.76 2.01 -27.00
C GLY C 119 -26.13 2.69 -25.80
N LEU C 120 -25.05 2.13 -25.27
CA LEU C 120 -24.46 2.68 -24.05
C LEU C 120 -23.32 3.67 -24.31
N ARG C 121 -23.49 4.52 -25.33
CA ARG C 121 -22.35 5.28 -25.90
C ARG C 121 -21.48 6.10 -24.92
N SER C 122 -21.99 6.36 -23.72
CA SER C 122 -21.21 7.07 -22.70
C SER C 122 -20.37 6.15 -21.79
N LEU C 123 -20.60 4.83 -21.91
CA LEU C 123 -19.87 3.83 -21.12
C LEU C 123 -18.45 3.72 -21.59
N LYS C 124 -17.53 3.93 -20.66
CA LYS C 124 -16.13 4.01 -20.99
C LYS C 124 -15.28 3.29 -19.94
N GLU C 125 -15.94 2.73 -18.93
CA GLU C 125 -15.26 1.93 -17.91
C GLU C 125 -16.11 0.92 -17.15
N ILE C 126 -15.79 -0.35 -17.33
CA ILE C 126 -16.25 -1.37 -16.41
C ILE C 126 -15.03 -1.75 -15.58
N SER C 127 -14.84 -1.10 -14.44
CA SER C 127 -13.59 -1.25 -13.69
C SER C 127 -13.41 -2.61 -13.02
N ASP C 128 -14.45 -3.43 -13.04
CA ASP C 128 -14.35 -4.78 -12.49
C ASP C 128 -15.48 -5.71 -12.89
N GLY C 129 -15.24 -7.01 -12.76
CA GLY C 129 -16.26 -8.01 -13.02
C GLY C 129 -16.38 -8.31 -14.50
N ASP C 130 -17.18 -9.32 -14.83
CA ASP C 130 -17.28 -9.81 -16.21
C ASP C 130 -18.51 -9.28 -16.95
N VAL C 131 -18.46 -9.33 -18.27
CA VAL C 131 -19.60 -8.94 -19.12
C VAL C 131 -20.29 -10.18 -19.69
N ILE C 132 -21.60 -10.28 -19.50
CA ILE C 132 -22.35 -11.32 -20.17
C ILE C 132 -23.43 -10.65 -21.01
N ILE C 133 -23.53 -11.05 -22.28
CA ILE C 133 -24.58 -10.55 -23.14
C ILE C 133 -25.28 -11.73 -23.86
N SER C 134 -25.95 -12.54 -23.05
CA SER C 134 -26.61 -13.74 -23.53
C SER C 134 -27.96 -13.44 -24.19
N GLY C 135 -28.20 -14.15 -25.29
CA GLY C 135 -29.54 -14.43 -25.78
C GLY C 135 -30.40 -13.25 -26.17
N ASN C 136 -29.83 -12.35 -26.96
CA ASN C 136 -30.58 -11.20 -27.43
C ASN C 136 -30.86 -11.32 -28.93
N LYS C 137 -31.86 -12.17 -29.23
CA LYS C 137 -32.24 -12.60 -30.59
C LYS C 137 -31.86 -11.68 -31.75
N ASN C 138 -32.10 -10.36 -31.59
CA ASN C 138 -31.88 -9.35 -32.64
C ASN C 138 -30.73 -8.40 -32.37
N LEU C 139 -29.95 -8.63 -31.31
CA LEU C 139 -28.93 -7.66 -30.94
C LEU C 139 -27.66 -7.77 -31.77
N CYS C 140 -27.31 -6.67 -32.44
CA CYS C 140 -26.11 -6.61 -33.27
C CYS C 140 -25.07 -5.68 -32.65
N TYR C 141 -24.03 -5.34 -33.44
CA TYR C 141 -22.92 -4.46 -33.00
C TYR C 141 -22.35 -4.87 -31.64
N ALA C 142 -22.56 -6.15 -31.29
CA ALA C 142 -22.20 -6.70 -29.98
C ALA C 142 -20.69 -6.67 -29.76
N ASN C 143 -19.96 -7.39 -30.62
CA ASN C 143 -18.51 -7.24 -30.77
C ASN C 143 -18.22 -5.95 -31.54
N THR C 144 -17.02 -5.84 -32.10
CA THR C 144 -16.53 -4.58 -32.68
C THR C 144 -16.22 -3.55 -31.59
N ILE C 145 -16.57 -3.88 -30.35
CA ILE C 145 -16.10 -3.10 -29.21
C ILE C 145 -14.86 -3.81 -28.67
N ASN C 146 -13.73 -3.10 -28.68
CA ASN C 146 -12.60 -3.57 -27.92
C ASN C 146 -12.94 -3.37 -26.45
N TRP C 147 -13.62 -4.37 -25.91
CA TRP C 147 -14.04 -4.39 -24.52
C TRP C 147 -12.88 -4.21 -23.56
N LYS C 148 -11.69 -4.66 -23.97
CA LYS C 148 -10.45 -4.45 -23.22
C LYS C 148 -10.15 -2.98 -23.00
N LYS C 149 -11.00 -2.10 -23.53
CA LYS C 149 -10.85 -0.67 -23.30
C LYS C 149 -11.56 -0.28 -22.01
N LEU C 150 -12.67 -0.96 -21.72
CA LEU C 150 -13.46 -0.67 -20.52
C LEU C 150 -12.91 -1.39 -19.27
N PHE C 151 -12.09 -2.41 -19.49
CA PHE C 151 -11.53 -3.26 -18.44
C PHE C 151 -10.33 -2.65 -17.69
N GLY C 152 -10.20 -3.05 -16.43
CA GLY C 152 -9.09 -2.61 -15.58
C GLY C 152 -8.14 -3.73 -15.17
N THR C 153 -8.49 -4.96 -15.52
CA THR C 153 -7.67 -6.12 -15.14
C THR C 153 -7.54 -7.18 -16.25
N SER C 154 -6.51 -8.02 -16.17
CA SER C 154 -6.39 -9.20 -17.05
C SER C 154 -7.56 -10.16 -16.87
N GLY C 155 -8.06 -10.26 -15.66
CA GLY C 155 -9.03 -11.28 -15.31
C GLY C 155 -10.38 -11.10 -15.95
N GLN C 156 -10.62 -9.91 -16.49
CA GLN C 156 -11.96 -9.57 -17.01
C GLN C 156 -12.37 -10.31 -18.26
N LYS C 157 -13.41 -11.13 -18.11
CA LYS C 157 -13.86 -12.01 -19.16
C LYS C 157 -15.11 -11.46 -19.82
N THR C 158 -15.19 -11.71 -21.12
CA THR C 158 -16.32 -11.29 -21.91
C THR C 158 -17.08 -12.56 -22.28
N LYS C 159 -18.40 -12.50 -22.27
CA LYS C 159 -19.18 -13.68 -22.54
C LYS C 159 -20.38 -13.36 -23.42
N ILE C 160 -20.08 -13.07 -24.68
CA ILE C 160 -21.12 -12.76 -25.67
C ILE C 160 -21.53 -14.03 -26.43
N ILE C 161 -22.82 -14.36 -26.35
CA ILE C 161 -23.39 -15.52 -27.04
C ILE C 161 -24.87 -15.35 -27.36
N SER C 162 -25.33 -16.10 -28.35
CA SER C 162 -26.76 -16.32 -28.62
C SER C 162 -27.56 -15.10 -29.12
N ASN C 163 -26.88 -14.12 -29.71
CA ASN C 163 -27.58 -12.95 -30.30
C ASN C 163 -27.51 -13.00 -31.83
N ARG C 164 -28.15 -12.04 -32.52
CA ARG C 164 -28.18 -11.98 -34.00
C ARG C 164 -26.78 -12.04 -34.64
N GLY C 165 -26.35 -13.26 -34.97
CA GLY C 165 -24.99 -13.56 -35.42
C GLY C 165 -24.37 -12.57 -36.38
N GLU C 166 -23.06 -12.35 -36.23
CA GLU C 166 -22.29 -11.42 -37.05
C GLU C 166 -22.75 -11.37 -38.51
N ASN C 167 -23.07 -12.56 -39.06
CA ASN C 167 -23.64 -12.70 -40.40
C ASN C 167 -24.80 -11.71 -40.70
N SER C 168 -25.93 -11.90 -40.03
CA SER C 168 -27.17 -11.16 -40.30
C SER C 168 -27.01 -9.64 -40.19
N CYS C 169 -25.99 -9.20 -39.45
CA CYS C 169 -25.70 -7.77 -39.29
C CYS C 169 -25.00 -7.26 -40.54
N LYS C 170 -23.98 -7.99 -40.98
CA LYS C 170 -23.29 -7.68 -42.22
C LYS C 170 -24.31 -7.52 -43.35
N ALA C 171 -25.14 -8.55 -43.55
CA ALA C 171 -26.14 -8.57 -44.62
C ALA C 171 -27.12 -7.39 -44.54
N THR C 172 -27.82 -7.28 -43.41
CA THR C 172 -28.82 -6.22 -43.21
C THR C 172 -28.19 -4.83 -43.16
N GLY C 173 -26.85 -4.80 -43.13
CA GLY C 173 -26.12 -3.54 -43.04
C GLY C 173 -26.25 -2.95 -41.66
N GLN C 174 -26.64 -3.81 -40.72
CA GLN C 174 -26.70 -3.45 -39.31
C GLN C 174 -25.31 -3.49 -38.71
N VAL C 175 -24.38 -2.81 -39.36
CA VAL C 175 -23.00 -2.81 -38.93
C VAL C 175 -22.62 -1.38 -38.57
N CYS C 176 -21.34 -1.19 -38.26
CA CYS C 176 -20.82 0.11 -37.87
C CYS C 176 -21.09 1.15 -38.94
N HIS C 177 -21.54 2.33 -38.52
CA HIS C 177 -21.71 3.46 -39.44
C HIS C 177 -20.39 3.79 -40.13
N ALA C 178 -20.47 4.45 -41.29
CA ALA C 178 -19.28 4.80 -42.05
C ALA C 178 -18.42 5.84 -41.33
N LEU C 179 -19.06 6.85 -40.74
CA LEU C 179 -18.37 7.94 -40.03
C LEU C 179 -17.47 7.45 -38.87
N CYS C 180 -17.58 6.15 -38.54
CA CYS C 180 -16.83 5.49 -37.48
C CYS C 180 -15.32 5.54 -37.62
N SER C 181 -14.65 5.30 -36.49
CA SER C 181 -13.30 4.81 -36.49
C SER C 181 -13.41 3.29 -36.32
N PRO C 182 -12.29 2.57 -36.47
CA PRO C 182 -12.21 1.14 -36.09
C PRO C 182 -12.53 0.83 -34.59
N GLU C 183 -12.74 1.87 -33.78
CA GLU C 183 -13.05 1.72 -32.37
C GLU C 183 -14.38 0.98 -32.12
N GLY C 184 -15.36 1.19 -33.01
CA GLY C 184 -16.54 0.35 -33.01
C GLY C 184 -17.86 1.01 -32.71
N CYS C 185 -18.90 0.19 -32.53
CA CYS C 185 -20.27 0.66 -32.39
C CYS C 185 -21.00 0.28 -31.11
N TRP C 186 -21.93 1.15 -30.73
CA TRP C 186 -22.91 0.84 -29.72
C TRP C 186 -24.29 0.79 -30.40
N GLY C 187 -24.25 0.70 -31.74
CA GLY C 187 -25.45 0.79 -32.60
C GLY C 187 -25.22 1.49 -33.93
N PRO C 188 -26.25 1.52 -34.80
CA PRO C 188 -26.05 1.90 -36.21
C PRO C 188 -25.80 3.39 -36.43
N GLU C 189 -26.30 4.22 -35.52
CA GLU C 189 -26.23 5.68 -35.62
C GLU C 189 -24.79 6.23 -35.64
N PRO C 190 -24.59 7.41 -36.28
CA PRO C 190 -23.25 7.98 -36.37
C PRO C 190 -22.59 8.29 -35.02
N ARG C 191 -23.40 8.54 -34.00
CA ARG C 191 -22.87 8.87 -32.67
C ARG C 191 -22.79 7.66 -31.71
N ASP C 192 -22.63 6.47 -32.27
CA ASP C 192 -22.37 5.26 -31.49
C ASP C 192 -20.92 4.82 -31.60
N CYS C 193 -20.11 5.64 -32.28
CA CYS C 193 -18.68 5.36 -32.50
C CYS C 193 -17.89 5.50 -31.20
N VAL C 194 -17.07 4.49 -30.90
CA VAL C 194 -16.27 4.51 -29.68
C VAL C 194 -15.06 5.44 -29.87
N ASP D 1 -1.71 -10.50 -1.08
CA ASP D 1 -2.45 -11.22 0.01
C ASP D 1 -2.24 -12.73 0.01
N ILE D 2 -2.30 -13.36 -1.16
CA ILE D 2 -2.27 -14.84 -1.22
C ILE D 2 -0.84 -15.44 -1.28
N GLN D 3 -0.60 -16.40 -0.37
CA GLN D 3 0.65 -17.11 -0.28
C GLN D 3 0.49 -18.47 -0.91
N MET D 4 1.49 -18.85 -1.69
CA MET D 4 1.45 -20.09 -2.43
C MET D 4 2.49 -21.05 -1.89
N THR D 5 2.05 -22.25 -1.58
CA THR D 5 3.01 -23.28 -1.18
C THR D 5 3.00 -24.40 -2.23
N GLN D 6 4.09 -24.49 -2.99
CA GLN D 6 4.23 -25.48 -4.05
C GLN D 6 5.28 -26.48 -3.62
N SER D 7 4.94 -27.77 -3.77
CA SER D 7 5.81 -28.88 -3.35
C SER D 7 5.79 -30.01 -4.38
N PRO D 8 6.92 -30.70 -4.54
CA PRO D 8 8.15 -30.49 -3.82
C PRO D 8 9.03 -29.44 -4.47
N SER D 9 10.11 -29.08 -3.78
CA SER D 9 11.07 -28.13 -4.30
C SER D 9 11.79 -28.74 -5.50
N SER D 10 12.24 -29.99 -5.37
CA SER D 10 12.82 -30.73 -6.50
C SER D 10 12.22 -32.13 -6.55
N LEU D 11 12.48 -32.83 -7.64
CA LEU D 11 11.81 -34.08 -7.91
C LEU D 11 12.43 -34.82 -9.08
N SER D 12 12.61 -36.13 -8.91
CA SER D 12 13.20 -36.98 -9.94
C SER D 12 12.33 -38.20 -10.26
N ALA D 13 12.15 -38.47 -11.55
CA ALA D 13 11.31 -39.56 -12.01
C ALA D 13 11.87 -40.24 -13.25
N SER D 14 11.53 -41.52 -13.41
CA SER D 14 11.98 -42.29 -14.56
C SER D 14 11.03 -41.96 -15.69
N VAL D 15 11.45 -42.25 -16.92
CA VAL D 15 10.62 -42.04 -18.08
C VAL D 15 9.29 -42.79 -17.91
N GLY D 16 8.24 -42.28 -18.56
CA GLY D 16 6.87 -42.80 -18.40
C GLY D 16 6.42 -42.96 -16.95
N ASP D 17 6.81 -42.02 -16.09
CA ASP D 17 6.39 -42.04 -14.69
C ASP D 17 5.27 -41.05 -14.51
N ARG D 18 4.57 -41.16 -13.40
CA ARG D 18 3.58 -40.16 -13.00
C ARG D 18 4.30 -39.17 -12.11
N VAL D 19 3.93 -37.90 -12.21
CA VAL D 19 4.55 -36.87 -11.44
C VAL D 19 3.40 -36.06 -10.90
N THR D 20 3.47 -35.70 -9.62
CA THR D 20 2.46 -34.86 -9.03
C THR D 20 3.01 -33.67 -8.25
N ILE D 21 2.75 -32.48 -8.78
CA ILE D 21 3.07 -31.27 -8.08
C ILE D 21 1.77 -30.75 -7.50
N THR D 22 1.79 -30.45 -6.20
CA THR D 22 0.66 -29.82 -5.53
C THR D 22 0.97 -28.37 -5.29
N CYS D 23 -0.07 -27.62 -4.95
CA CYS D 23 0.08 -26.19 -4.78
C CYS D 23 -1.01 -25.59 -3.92
N SER D 24 -0.64 -25.23 -2.70
CA SER D 24 -1.59 -24.77 -1.68
C SER D 24 -1.72 -23.26 -1.59
N ALA D 25 -2.95 -22.80 -1.37
CA ALA D 25 -3.28 -21.38 -1.26
C ALA D 25 -3.69 -20.92 0.15
N SER D 26 -3.21 -19.75 0.59
CA SER D 26 -3.56 -19.23 1.91
C SER D 26 -5.02 -18.84 1.96
N SER D 27 -5.38 -17.75 1.27
CA SER D 27 -6.78 -17.45 0.91
C SER D 27 -7.11 -18.28 -0.34
N SER D 28 -8.38 -18.57 -0.58
CA SER D 28 -8.76 -19.27 -1.82
C SER D 28 -8.67 -18.37 -3.06
N VAL D 29 -8.31 -18.98 -4.19
CA VAL D 29 -7.79 -18.24 -5.33
C VAL D 29 -8.80 -18.17 -6.46
N THR D 30 -8.85 -17.04 -7.15
CA THR D 30 -9.80 -16.85 -8.25
C THR D 30 -9.48 -17.64 -9.54
N TYR D 31 -8.22 -17.63 -9.98
CA TYR D 31 -7.79 -18.40 -11.16
C TYR D 31 -6.39 -18.98 -10.94
N MET D 32 -6.19 -20.19 -11.47
CA MET D 32 -4.94 -20.93 -11.33
C MET D 32 -4.34 -21.15 -12.72
N TYR D 33 -3.03 -20.97 -12.84
CA TYR D 33 -2.30 -21.20 -14.10
C TYR D 33 -1.14 -22.13 -13.81
N TRP D 34 -0.71 -22.93 -14.79
CA TRP D 34 0.53 -23.72 -14.64
C TRP D 34 1.49 -23.47 -15.76
N TYR D 35 2.65 -22.94 -15.40
CA TYR D 35 3.70 -22.55 -16.33
C TYR D 35 4.86 -23.55 -16.28
N GLN D 36 5.54 -23.71 -17.41
CA GLN D 36 6.65 -24.65 -17.46
C GLN D 36 7.85 -23.97 -18.10
N GLN D 37 8.96 -23.88 -17.38
CA GLN D 37 10.11 -23.14 -17.88
C GLN D 37 11.33 -24.01 -18.01
N LYS D 38 11.77 -24.21 -19.26
CA LYS D 38 12.94 -25.05 -19.58
C LYS D 38 14.22 -24.25 -19.43
N PRO D 39 15.37 -24.93 -19.20
CA PRO D 39 16.64 -24.23 -18.95
C PRO D 39 16.91 -23.11 -19.97
N GLY D 40 17.04 -21.89 -19.47
CA GLY D 40 17.30 -20.72 -20.31
C GLY D 40 16.32 -20.47 -21.45
N LYS D 41 15.18 -21.16 -21.43
CA LYS D 41 14.04 -20.79 -22.26
C LYS D 41 13.08 -20.00 -21.36
N ALA D 42 12.21 -19.18 -21.96
CA ALA D 42 11.19 -18.46 -21.20
C ALA D 42 10.12 -19.43 -20.67
N PRO D 43 9.32 -18.98 -19.68
CA PRO D 43 8.13 -19.75 -19.32
C PRO D 43 7.15 -19.97 -20.47
N LYS D 44 6.42 -21.07 -20.38
CA LYS D 44 5.37 -21.40 -21.33
C LYS D 44 4.17 -21.91 -20.55
N LEU D 45 2.98 -21.37 -20.82
CA LEU D 45 1.80 -21.82 -20.11
C LEU D 45 1.34 -23.20 -20.59
N LEU D 46 1.12 -24.11 -19.64
CA LEU D 46 0.61 -25.43 -19.97
C LEU D 46 -0.87 -25.54 -19.69
N ILE D 47 -1.25 -25.34 -18.43
CA ILE D 47 -2.64 -25.40 -18.04
C ILE D 47 -3.03 -23.98 -17.68
N TYR D 48 -4.26 -23.60 -17.98
CA TYR D 48 -4.82 -22.38 -17.43
C TYR D 48 -6.22 -22.67 -16.89
N ASP D 49 -6.64 -21.82 -15.96
CA ASP D 49 -7.93 -21.91 -15.30
C ASP D 49 -8.14 -23.14 -14.44
N THR D 50 -7.04 -23.79 -14.03
CA THR D 50 -7.07 -24.91 -13.09
C THR D 50 -6.95 -26.20 -13.85
N SER D 51 -7.65 -26.30 -14.98
CA SER D 51 -7.71 -27.58 -15.68
C SER D 51 -7.55 -27.50 -17.18
N ASN D 52 -7.84 -26.34 -17.75
CA ASN D 52 -7.85 -26.15 -19.21
C ASN D 52 -6.48 -26.13 -19.87
N LEU D 53 -6.19 -27.14 -20.68
CA LEU D 53 -4.93 -27.22 -21.43
C LEU D 53 -4.79 -26.15 -22.51
N ALA D 54 -3.80 -25.29 -22.41
CA ALA D 54 -3.52 -24.34 -23.47
C ALA D 54 -3.32 -25.15 -24.74
N SER D 55 -3.68 -24.55 -25.88
CA SER D 55 -3.69 -25.30 -27.12
C SER D 55 -2.32 -25.79 -27.49
N GLY D 56 -2.28 -27.05 -27.87
CA GLY D 56 -1.08 -27.68 -28.37
C GLY D 56 -0.35 -28.45 -27.30
N VAL D 57 -0.85 -28.38 -26.07
CA VAL D 57 -0.22 -29.10 -24.97
C VAL D 57 -0.64 -30.57 -24.97
N PRO D 58 0.33 -31.48 -24.96
CA PRO D 58 0.17 -32.94 -24.92
C PRO D 58 -0.68 -33.47 -23.78
N SER D 59 -1.46 -34.50 -24.07
CA SER D 59 -2.45 -35.06 -23.14
C SER D 59 -1.90 -35.48 -21.78
N ARG D 60 -0.60 -35.72 -21.67
CA ARG D 60 -0.06 -36.22 -20.41
C ARG D 60 -0.14 -35.19 -19.32
N PHE D 61 -0.15 -33.93 -19.72
CA PHE D 61 -0.23 -32.81 -18.81
C PHE D 61 -1.67 -32.57 -18.42
N SER D 62 -1.97 -32.66 -17.14
CA SER D 62 -3.29 -32.26 -16.66
C SER D 62 -3.18 -31.33 -15.47
N GLY D 63 -4.29 -30.72 -15.12
CA GLY D 63 -4.30 -29.71 -14.07
C GLY D 63 -5.62 -29.81 -13.35
N SER D 64 -5.55 -29.68 -12.04
CA SER D 64 -6.70 -29.98 -11.21
C SER D 64 -6.72 -29.03 -10.03
N GLY D 65 -7.84 -29.00 -9.33
CA GLY D 65 -7.93 -28.20 -8.13
C GLY D 65 -9.34 -28.12 -7.61
N SER D 66 -9.47 -27.54 -6.41
CA SER D 66 -10.75 -27.17 -5.76
C SER D 66 -10.51 -26.10 -4.68
N GLY D 67 -10.59 -24.85 -5.11
CA GLY D 67 -10.68 -23.74 -4.17
C GLY D 67 -9.36 -23.28 -3.58
N THR D 68 -8.77 -24.10 -2.72
CA THR D 68 -7.48 -23.71 -2.10
C THR D 68 -6.30 -24.63 -2.40
N ASP D 69 -6.58 -25.83 -2.88
CA ASP D 69 -5.53 -26.75 -3.23
C ASP D 69 -5.64 -27.15 -4.68
N TYR D 70 -4.57 -26.86 -5.42
CA TYR D 70 -4.47 -27.22 -6.81
C TYR D 70 -3.32 -28.18 -6.95
N THR D 71 -3.46 -29.07 -7.93
CA THR D 71 -2.48 -30.11 -8.21
C THR D 71 -2.27 -30.38 -9.71
N PHE D 72 -1.09 -29.97 -10.21
CA PHE D 72 -0.61 -30.26 -11.57
C PHE D 72 -0.02 -31.69 -11.65
N THR D 73 -0.13 -32.30 -12.82
CA THR D 73 0.18 -33.71 -13.01
C THR D 73 0.69 -33.93 -14.44
N ILE D 74 1.88 -34.51 -14.57
CA ILE D 74 2.33 -35.02 -15.87
C ILE D 74 2.24 -36.51 -15.67
N SER D 75 1.39 -37.16 -16.47
CA SER D 75 1.02 -38.55 -16.23
C SER D 75 2.01 -39.54 -16.76
N SER D 76 2.72 -39.19 -17.84
CA SER D 76 3.65 -40.11 -18.47
C SER D 76 4.94 -39.40 -18.87
N LEU D 77 5.74 -39.03 -17.86
CA LEU D 77 6.92 -38.17 -18.04
C LEU D 77 7.86 -38.63 -19.14
N GLN D 78 7.98 -37.80 -20.17
CA GLN D 78 8.88 -38.05 -21.30
C GLN D 78 10.18 -37.26 -21.10
N PRO D 79 11.31 -37.75 -21.65
CA PRO D 79 12.63 -37.17 -21.39
C PRO D 79 12.65 -35.66 -21.46
N GLU D 80 11.77 -35.08 -22.26
CA GLU D 80 11.85 -33.67 -22.58
C GLU D 80 10.80 -32.81 -21.84
N ASP D 81 10.35 -33.27 -20.68
CA ASP D 81 9.41 -32.50 -19.88
C ASP D 81 10.25 -31.88 -18.79
N ILE D 82 11.54 -32.02 -19.00
CA ILE D 82 12.61 -31.77 -18.05
C ILE D 82 12.55 -30.54 -17.12
N ALA D 83 11.72 -29.56 -17.45
CA ALA D 83 11.83 -28.20 -16.87
C ALA D 83 11.57 -28.01 -15.34
N THR D 84 11.65 -26.74 -14.89
CA THR D 84 11.06 -26.30 -13.62
C THR D 84 9.66 -25.73 -13.86
N TYR D 85 8.73 -26.10 -12.97
CA TYR D 85 7.31 -25.81 -13.14
C TYR D 85 6.81 -24.92 -12.00
N TYR D 86 6.14 -23.82 -12.37
CA TYR D 86 5.60 -22.90 -11.37
C TYR D 86 4.10 -22.76 -11.53
N CYS D 87 3.37 -22.92 -10.43
CA CYS D 87 1.96 -22.52 -10.44
C CYS D 87 1.90 -21.01 -10.38
N GLN D 88 0.79 -20.46 -10.86
CA GLN D 88 0.54 -19.04 -10.75
C GLN D 88 -0.93 -18.85 -10.45
N GLN D 89 -1.22 -18.02 -9.44
CA GLN D 89 -2.59 -17.73 -9.06
C GLN D 89 -2.89 -16.26 -9.33
N TRP D 90 -3.97 -16.00 -10.04
CA TRP D 90 -4.52 -14.66 -10.10
C TRP D 90 -5.57 -14.61 -9.04
N SER D 91 -5.77 -13.43 -8.46
CA SER D 91 -6.86 -13.19 -7.54
C SER D 91 -6.88 -11.72 -7.27
N SER D 92 -8.08 -11.15 -7.23
CA SER D 92 -8.27 -9.78 -6.74
C SER D 92 -7.28 -8.79 -7.36
N HIS D 93 -7.12 -8.85 -8.68
CA HIS D 93 -6.16 -8.03 -9.44
C HIS D 93 -4.65 -8.29 -9.23
N ILE D 94 -4.26 -9.22 -8.38
CA ILE D 94 -2.84 -9.56 -8.26
C ILE D 94 -2.48 -11.01 -8.58
N PHE D 95 -1.34 -11.20 -9.24
CA PHE D 95 -0.79 -12.51 -9.50
C PHE D 95 0.21 -12.84 -8.42
N THR D 96 0.27 -14.12 -8.06
CA THR D 96 1.30 -14.61 -7.16
C THR D 96 1.82 -15.94 -7.72
N PHE D 97 3.15 -16.05 -7.84
CA PHE D 97 3.82 -17.26 -8.34
C PHE D 97 4.16 -18.27 -7.24
N GLY D 98 4.24 -19.55 -7.61
CA GLY D 98 4.74 -20.59 -6.71
C GLY D 98 6.25 -20.62 -6.74
N GLN D 99 6.84 -21.45 -5.89
CA GLN D 99 8.29 -21.50 -5.73
C GLN D 99 8.95 -22.29 -6.86
N GLY D 100 8.18 -23.13 -7.52
CA GLY D 100 8.71 -23.96 -8.58
C GLY D 100 9.11 -25.36 -8.10
N THR D 101 9.15 -26.27 -9.06
CA THR D 101 9.60 -27.64 -8.84
C THR D 101 10.56 -27.98 -9.97
N LYS D 102 11.84 -28.09 -9.69
CA LYS D 102 12.78 -28.62 -10.67
C LYS D 102 12.45 -30.10 -10.86
N VAL D 103 12.22 -30.50 -12.12
CA VAL D 103 11.87 -31.89 -12.42
C VAL D 103 12.95 -32.48 -13.30
N GLU D 104 13.50 -33.62 -12.90
CA GLU D 104 14.61 -34.21 -13.62
C GLU D 104 14.39 -35.69 -13.78
N ILE D 105 15.14 -36.30 -14.69
CA ILE D 105 14.93 -37.70 -15.06
C ILE D 105 15.96 -38.63 -14.46
N LYS D 106 15.50 -39.71 -13.82
CA LYS D 106 16.37 -40.83 -13.48
C LYS D 106 16.46 -41.76 -14.70
N ARG D 107 17.69 -42.12 -15.08
CA ARG D 107 17.95 -43.00 -16.21
C ARG D 107 19.08 -43.97 -15.87
N THR D 108 19.45 -44.84 -16.81
CA THR D 108 20.58 -45.76 -16.61
C THR D 108 21.85 -44.96 -16.37
N VAL D 109 22.75 -45.53 -15.58
CA VAL D 109 24.05 -44.93 -15.32
C VAL D 109 24.83 -44.83 -16.64
N ALA D 110 25.40 -43.66 -16.92
CA ALA D 110 26.23 -43.50 -18.11
C ALA D 110 27.59 -42.95 -17.76
N ALA D 111 28.63 -43.59 -18.31
CA ALA D 111 30.01 -43.17 -18.09
C ALA D 111 30.29 -41.93 -18.95
N PRO D 112 31.15 -41.02 -18.45
CA PRO D 112 31.47 -39.85 -19.27
C PRO D 112 32.48 -40.18 -20.40
N SER D 113 32.70 -39.24 -21.32
CA SER D 113 33.73 -39.42 -22.35
C SER D 113 34.76 -38.28 -22.34
N VAL D 114 35.74 -38.41 -21.44
CA VAL D 114 36.78 -37.39 -21.15
C VAL D 114 37.60 -36.91 -22.35
N PHE D 115 37.59 -35.60 -22.58
CA PHE D 115 38.53 -34.94 -23.49
C PHE D 115 39.47 -34.03 -22.69
N ILE D 116 40.70 -33.84 -23.17
CA ILE D 116 41.64 -32.89 -22.56
C ILE D 116 41.94 -31.78 -23.57
N PHE D 117 42.18 -30.57 -23.07
CA PHE D 117 42.56 -29.44 -23.93
C PHE D 117 43.47 -28.43 -23.20
N PRO D 118 44.79 -28.43 -23.53
CA PRO D 118 45.75 -27.49 -22.92
C PRO D 118 45.85 -26.16 -23.70
N PRO D 119 46.50 -25.13 -23.11
CA PRO D 119 46.62 -23.80 -23.74
C PRO D 119 46.94 -23.88 -25.23
N SER D 120 46.25 -23.08 -26.03
CA SER D 120 46.38 -23.18 -27.49
C SER D 120 46.47 -21.82 -28.19
N ASP D 121 47.41 -21.73 -29.16
CA ASP D 121 47.62 -20.55 -30.02
C ASP D 121 47.79 -19.24 -29.23
N GLU D 122 46.99 -18.23 -29.57
CA GLU D 122 46.92 -16.92 -28.88
C GLU D 122 47.80 -16.76 -27.62
N GLN D 123 47.20 -16.88 -26.44
CA GLN D 123 47.91 -16.64 -25.18
C GLN D 123 48.37 -17.94 -24.52
N LEU D 124 49.04 -18.78 -25.33
CA LEU D 124 49.44 -20.12 -24.90
C LEU D 124 50.67 -20.09 -24.00
N THR D 128 48.02 -16.37 -19.66
CA THR D 128 47.75 -17.05 -18.40
C THR D 128 47.51 -18.54 -18.63
N ALA D 129 47.67 -19.33 -17.57
CA ALA D 129 47.46 -20.78 -17.63
C ALA D 129 45.98 -21.16 -17.78
N SER D 130 45.58 -21.58 -18.98
CA SER D 130 44.18 -21.97 -19.25
C SER D 130 44.02 -23.44 -19.69
N VAL D 131 43.84 -24.34 -18.71
CA VAL D 131 43.82 -25.80 -18.97
C VAL D 131 42.43 -26.46 -18.83
N VAL D 132 41.83 -26.77 -19.98
CA VAL D 132 40.48 -27.36 -20.05
C VAL D 132 40.46 -28.89 -19.88
N CYS D 133 39.40 -29.38 -19.26
CA CYS D 133 39.18 -30.81 -19.00
C CYS D 133 37.68 -31.10 -19.04
N LEU D 134 37.25 -31.84 -20.06
CA LEU D 134 35.80 -32.09 -20.30
C LEU D 134 35.33 -33.48 -19.85
N LEU D 135 34.06 -33.55 -19.45
CA LEU D 135 33.38 -34.81 -19.21
C LEU D 135 32.06 -34.70 -19.94
N ASN D 136 31.85 -35.60 -20.91
CA ASN D 136 30.71 -35.49 -21.80
C ASN D 136 29.65 -36.54 -21.50
N ASN D 137 28.38 -36.13 -21.63
CA ASN D 137 27.20 -36.97 -21.41
C ASN D 137 27.30 -38.12 -20.39
N PHE D 138 26.99 -37.80 -19.14
CA PHE D 138 27.01 -38.77 -18.06
C PHE D 138 25.99 -38.40 -17.00
N TYR D 139 24.99 -39.25 -16.82
CA TYR D 139 23.91 -38.98 -15.87
C TYR D 139 24.45 -38.72 -14.46
N PRO D 140 23.88 -39.41 -13.49
CA PRO D 140 24.27 -39.25 -12.08
C PRO D 140 25.24 -38.09 -11.88
N ARG D 141 24.72 -36.91 -11.63
CA ARG D 141 25.54 -35.73 -11.38
C ARG D 141 26.23 -35.85 -10.03
N GLU D 142 27.44 -36.42 -10.04
CA GLU D 142 28.19 -36.64 -8.80
C GLU D 142 29.67 -36.75 -9.12
N GLY D 156 42.54 -25.84 -4.03
CA GLY D 156 43.51 -24.93 -4.65
C GLY D 156 42.99 -24.10 -5.84
N ASN D 157 43.50 -24.41 -7.03
CA ASN D 157 43.04 -23.74 -8.25
C ASN D 157 42.29 -24.73 -9.14
N SER D 158 41.03 -25.00 -8.79
CA SER D 158 40.17 -25.89 -9.57
C SER D 158 38.75 -25.29 -9.74
N GLN D 159 38.48 -24.74 -10.92
CA GLN D 159 37.17 -24.07 -11.22
C GLN D 159 36.29 -24.79 -12.28
N GLU D 160 35.12 -25.29 -11.86
CA GLU D 160 34.25 -26.16 -12.70
C GLU D 160 32.82 -25.63 -12.96
N SER D 161 32.08 -26.30 -13.86
CA SER D 161 30.66 -26.00 -14.11
C SER D 161 29.95 -27.12 -14.88
N VAL D 162 28.77 -27.52 -14.40
CA VAL D 162 27.97 -28.59 -15.03
C VAL D 162 26.77 -28.05 -15.82
N THR D 163 26.45 -28.69 -16.95
CA THR D 163 25.27 -28.31 -17.75
C THR D 163 24.00 -28.86 -17.14
N GLU D 164 22.85 -28.32 -17.55
CA GLU D 164 21.59 -28.90 -17.13
C GLU D 164 21.40 -30.27 -17.78
N GLN D 165 20.47 -31.05 -17.26
CA GLN D 165 20.18 -32.38 -17.78
C GLN D 165 19.69 -32.25 -19.20
N ASP D 166 20.16 -33.15 -20.06
CA ASP D 166 19.80 -33.07 -21.48
C ASP D 166 18.32 -33.37 -21.78
N SER D 167 17.83 -32.79 -22.88
CA SER D 167 16.45 -32.93 -23.33
C SER D 167 16.16 -34.26 -24.02
N LYS D 168 17.23 -34.92 -24.48
CA LYS D 168 17.12 -36.14 -25.27
C LYS D 168 17.84 -37.33 -24.63
N ASP D 169 19.13 -37.18 -24.33
CA ASP D 169 19.92 -38.28 -23.73
C ASP D 169 19.94 -38.25 -22.19
N SER D 170 19.23 -37.27 -21.63
CA SER D 170 19.04 -37.06 -20.19
C SER D 170 20.29 -37.08 -19.32
N THR D 171 21.40 -36.57 -19.84
CA THR D 171 22.68 -36.55 -19.12
C THR D 171 23.31 -35.16 -18.98
N TYR D 172 24.34 -35.11 -18.12
CA TYR D 172 25.08 -33.88 -17.84
C TYR D 172 26.45 -33.86 -18.49
N SER D 173 27.16 -32.73 -18.33
CA SER D 173 28.56 -32.59 -18.73
C SER D 173 29.22 -31.56 -17.82
N LEU D 174 30.27 -31.96 -17.11
CA LEU D 174 31.03 -31.00 -16.29
C LEU D 174 32.17 -30.38 -17.13
N SER D 175 32.90 -29.44 -16.53
CA SER D 175 33.93 -28.66 -17.23
C SER D 175 34.81 -27.92 -16.24
N SER D 176 35.87 -28.59 -15.79
CA SER D 176 36.84 -28.02 -14.85
C SER D 176 37.93 -27.29 -15.61
N THR D 177 38.55 -26.31 -14.96
CA THR D 177 39.69 -25.60 -15.53
C THR D 177 40.81 -25.40 -14.51
N LEU D 178 42.04 -25.70 -14.94
CA LEU D 178 43.24 -25.38 -14.17
C LEU D 178 43.74 -24.02 -14.64
N THR D 179 43.74 -23.07 -13.72
CA THR D 179 44.33 -21.75 -13.92
C THR D 179 45.25 -21.47 -12.74
N VAL D 195 39.15 -37.88 -12.56
CA VAL D 195 37.76 -38.26 -12.74
C VAL D 195 37.41 -39.55 -11.97
N THR D 196 36.49 -39.45 -11.02
CA THR D 196 35.96 -40.61 -10.30
C THR D 196 34.42 -40.68 -10.41
N HIS D 197 33.92 -41.66 -11.16
CA HIS D 197 32.51 -41.77 -11.53
C HIS D 197 31.87 -43.08 -11.06
N GLN D 198 30.54 -43.10 -10.92
CA GLN D 198 29.80 -44.33 -10.62
C GLN D 198 29.79 -45.26 -11.83
N GLY D 199 29.67 -44.67 -13.03
CA GLY D 199 29.62 -45.42 -14.29
C GLY D 199 30.93 -46.01 -14.76
N LEU D 200 32.02 -45.60 -14.12
CA LEU D 200 33.35 -46.16 -14.40
C LEU D 200 33.76 -47.09 -13.26
N SER D 201 34.17 -48.32 -13.61
CA SER D 201 34.61 -49.33 -12.65
C SER D 201 35.99 -49.01 -12.08
N SER D 202 36.85 -48.42 -12.91
CA SER D 202 38.16 -47.93 -12.49
C SER D 202 38.45 -46.50 -13.04
N PRO D 203 38.72 -45.54 -12.13
CA PRO D 203 38.96 -44.12 -12.42
C PRO D 203 39.77 -43.86 -13.70
N VAL D 204 39.41 -42.81 -14.43
CA VAL D 204 40.06 -42.47 -15.69
C VAL D 204 40.75 -41.10 -15.70
N THR D 205 41.84 -41.01 -16.45
CA THR D 205 42.55 -39.74 -16.67
C THR D 205 43.17 -39.76 -18.07
N LYS D 206 42.63 -38.94 -18.97
CA LYS D 206 43.05 -38.93 -20.38
C LYS D 206 43.35 -37.53 -20.91
N GLN E 1 3.56 -16.76 -35.20
CA GLN E 1 4.03 -15.48 -35.79
C GLN E 1 3.79 -14.27 -34.88
N VAL E 2 3.12 -14.49 -33.75
CA VAL E 2 3.13 -13.51 -32.67
C VAL E 2 4.50 -13.61 -32.01
N GLN E 3 5.20 -12.49 -31.94
CA GLN E 3 6.58 -12.47 -31.43
C GLN E 3 6.81 -11.25 -30.55
N LEU E 4 7.44 -11.45 -29.40
CA LEU E 4 7.76 -10.34 -28.51
C LEU E 4 9.27 -10.19 -28.39
N VAL E 5 9.82 -9.10 -28.92
CA VAL E 5 11.27 -8.95 -29.01
C VAL E 5 11.79 -7.90 -28.03
N GLN E 6 12.67 -8.32 -27.13
CA GLN E 6 13.07 -7.48 -26.02
C GLN E 6 14.43 -6.84 -26.20
N SER E 7 14.57 -5.66 -25.61
CA SER E 7 15.85 -4.96 -25.50
C SER E 7 16.99 -5.90 -25.06
N GLY E 8 18.19 -5.65 -25.56
CA GLY E 8 19.37 -6.43 -25.19
C GLY E 8 19.81 -6.20 -23.76
N ALA E 9 20.60 -7.14 -23.23
CA ALA E 9 21.07 -7.09 -21.84
C ALA E 9 21.89 -5.84 -21.57
N GLU E 10 22.09 -5.53 -20.29
CA GLU E 10 22.64 -4.24 -19.88
C GLU E 10 23.27 -4.23 -18.51
N VAL E 11 24.23 -3.33 -18.32
CA VAL E 11 24.90 -3.15 -17.03
C VAL E 11 24.59 -1.77 -16.46
N LYS E 12 24.45 -1.71 -15.14
CA LYS E 12 24.12 -0.46 -14.48
C LYS E 12 24.79 -0.39 -13.12
N LYS E 13 25.22 0.82 -12.74
CA LYS E 13 25.77 1.03 -11.42
C LYS E 13 24.61 1.33 -10.48
N PRO E 14 24.67 0.83 -9.21
CA PRO E 14 23.62 1.09 -8.25
C PRO E 14 23.24 2.55 -8.26
N GLY E 15 21.95 2.86 -8.18
CA GLY E 15 21.50 4.26 -8.22
C GLY E 15 21.14 4.79 -9.60
N ALA E 16 21.58 4.13 -10.67
CA ALA E 16 21.08 4.46 -12.00
C ALA E 16 19.65 3.94 -12.23
N SER E 17 19.04 4.38 -13.33
CA SER E 17 17.75 3.86 -13.76
C SER E 17 17.98 3.06 -15.04
N VAL E 18 16.92 2.61 -15.69
CA VAL E 18 17.03 1.79 -16.90
C VAL E 18 15.65 1.53 -17.50
N LYS E 19 15.55 1.45 -18.84
CA LYS E 19 14.27 1.19 -19.52
C LYS E 19 14.35 0.10 -20.62
N VAL E 20 14.05 -1.12 -20.21
CA VAL E 20 13.90 -2.26 -21.10
C VAL E 20 12.68 -2.07 -22.01
N SER E 21 12.88 -2.26 -23.31
CA SER E 21 11.78 -2.23 -24.27
C SER E 21 11.44 -3.64 -24.71
N CYS E 22 10.24 -3.81 -25.25
CA CYS E 22 9.91 -5.00 -26.00
C CYS E 22 8.84 -4.69 -27.06
N LYS E 23 9.08 -5.13 -28.30
CA LYS E 23 8.20 -4.84 -29.43
C LYS E 23 7.48 -6.11 -29.87
N ALA E 24 6.19 -5.97 -30.18
CA ALA E 24 5.39 -7.11 -30.59
C ALA E 24 5.02 -7.12 -32.08
N SER E 25 5.15 -8.29 -32.70
CA SER E 25 4.57 -8.56 -34.02
C SER E 25 3.40 -9.57 -33.90
N GLY E 26 2.73 -9.85 -35.02
CA GLY E 26 1.83 -11.00 -35.14
C GLY E 26 0.50 -11.00 -34.41
N TYR E 27 0.22 -9.95 -33.64
CA TYR E 27 -1.12 -9.74 -33.05
C TYR E 27 -1.46 -8.27 -32.91
N THR E 28 -2.73 -7.94 -33.11
CA THR E 28 -3.21 -6.56 -32.87
C THR E 28 -2.89 -6.10 -31.42
N PHE E 29 -2.01 -5.11 -31.32
CA PHE E 29 -1.34 -4.72 -30.06
C PHE E 29 -2.24 -4.16 -28.96
N THR E 30 -3.34 -3.51 -29.35
CA THR E 30 -4.32 -3.01 -28.37
C THR E 30 -5.16 -4.16 -27.78
N SER E 31 -4.89 -5.39 -28.20
CA SER E 31 -5.77 -6.53 -27.86
C SER E 31 -5.42 -7.26 -26.57
N HIS E 32 -4.19 -7.06 -26.08
CA HIS E 32 -3.72 -7.82 -24.94
C HIS E 32 -2.82 -7.02 -24.01
N TRP E 33 -3.11 -7.16 -22.72
CA TRP E 33 -2.32 -6.57 -21.66
C TRP E 33 -0.87 -7.02 -21.73
N MET E 34 0.06 -6.10 -21.50
CA MET E 34 1.45 -6.50 -21.30
C MET E 34 1.72 -6.73 -19.81
N HIS E 35 2.54 -7.73 -19.53
CA HIS E 35 2.95 -8.01 -18.17
C HIS E 35 4.46 -7.97 -18.13
N TRP E 36 5.02 -7.65 -16.98
CA TRP E 36 6.45 -7.74 -16.78
C TRP E 36 6.73 -8.63 -15.59
N VAL E 37 7.69 -9.53 -15.77
CA VAL E 37 8.01 -10.59 -14.81
C VAL E 37 9.53 -10.73 -14.66
N ARG E 38 9.98 -10.94 -13.43
CA ARG E 38 11.42 -11.05 -13.20
C ARG E 38 11.88 -12.33 -12.48
N GLN E 39 13.12 -12.72 -12.78
CA GLN E 39 13.71 -13.96 -12.33
C GLN E 39 15.17 -13.76 -11.92
N ALA E 40 15.40 -13.53 -10.64
CA ALA E 40 16.75 -13.43 -10.12
C ALA E 40 17.41 -14.79 -10.35
N PRO E 41 18.64 -14.79 -10.92
CA PRO E 41 19.45 -15.98 -11.19
C PRO E 41 19.05 -17.22 -10.39
N GLY E 42 18.56 -18.22 -11.13
CA GLY E 42 18.35 -19.56 -10.61
C GLY E 42 17.45 -19.60 -9.42
N GLN E 43 16.51 -18.66 -9.37
CA GLN E 43 15.40 -18.72 -8.42
C GLN E 43 14.10 -18.35 -9.15
N GLY E 44 13.00 -18.31 -8.42
CA GLY E 44 11.69 -18.35 -9.05
C GLY E 44 11.22 -17.15 -9.87
N LEU E 45 10.00 -17.29 -10.36
CA LEU E 45 9.29 -16.26 -11.10
C LEU E 45 8.68 -15.24 -10.15
N GLU E 46 8.42 -14.05 -10.67
CA GLU E 46 7.96 -12.92 -9.86
C GLU E 46 7.33 -11.82 -10.71
N TRP E 47 6.05 -11.53 -10.42
CA TRP E 47 5.20 -10.67 -11.23
C TRP E 47 5.33 -9.23 -10.82
N ILE E 48 5.69 -8.35 -11.75
CA ILE E 48 5.84 -6.94 -11.45
C ILE E 48 4.51 -6.21 -11.62
N GLY E 49 3.88 -6.33 -12.79
CA GLY E 49 2.56 -5.75 -13.02
C GLY E 49 2.00 -5.99 -14.41
N GLU E 50 0.99 -5.20 -14.76
CA GLU E 50 0.44 -5.27 -16.11
C GLU E 50 0.05 -3.90 -16.61
N PHE E 51 0.00 -3.75 -17.93
CA PHE E 51 -0.32 -2.47 -18.58
C PHE E 51 -1.25 -2.65 -19.77
N ASN E 52 -2.43 -2.05 -19.71
CA ASN E 52 -3.43 -2.17 -20.77
C ASN E 52 -3.15 -1.25 -21.96
N PRO E 53 -2.57 -1.78 -23.04
CA PRO E 53 -2.21 -0.86 -24.11
C PRO E 53 -3.42 -0.14 -24.70
N SER E 54 -4.63 -0.65 -24.48
CA SER E 54 -5.85 0.02 -24.93
C SER E 54 -5.98 1.36 -24.26
N ASN E 55 -6.18 1.34 -22.94
CA ASN E 55 -6.47 2.57 -22.22
C ASN E 55 -5.33 3.14 -21.36
N GLY E 56 -4.50 2.29 -20.77
CA GLY E 56 -3.38 2.77 -19.95
C GLY E 56 -3.54 2.47 -18.47
N ARG E 57 -4.67 1.85 -18.11
CA ARG E 57 -4.91 1.35 -16.75
C ARG E 57 -3.83 0.32 -16.41
N THR E 58 -3.39 0.29 -15.15
CA THR E 58 -2.28 -0.58 -14.77
C THR E 58 -2.51 -1.32 -13.46
N ASN E 59 -1.73 -2.38 -13.24
CA ASN E 59 -1.74 -3.17 -12.00
C ASN E 59 -0.35 -3.66 -11.59
N TYR E 60 0.26 -2.98 -10.63
CA TYR E 60 1.50 -3.41 -10.01
C TYR E 60 1.15 -4.27 -8.81
N ASN E 61 2.11 -5.03 -8.30
CA ASN E 61 1.97 -5.56 -6.96
C ASN E 61 2.89 -4.71 -6.08
N GLU E 62 2.37 -4.34 -4.90
CA GLU E 62 2.94 -3.27 -4.09
C GLU E 62 4.47 -3.23 -4.13
N LYS E 63 5.10 -4.40 -4.08
CA LYS E 63 6.56 -4.49 -4.00
C LYS E 63 7.36 -3.86 -5.17
N PHE E 64 6.69 -3.30 -6.17
CA PHE E 64 7.39 -2.74 -7.32
C PHE E 64 6.84 -1.39 -7.74
N LYS E 65 5.78 -0.96 -7.07
CA LYS E 65 5.04 0.25 -7.44
C LYS E 65 5.94 1.51 -7.55
N SER E 66 6.89 1.64 -6.62
CA SER E 66 7.83 2.76 -6.66
C SER E 66 8.96 2.51 -7.65
N LYS E 67 9.61 1.34 -7.56
CA LYS E 67 10.74 0.97 -8.46
C LYS E 67 10.43 1.05 -9.96
N ALA E 68 9.41 0.30 -10.40
CA ALA E 68 9.14 0.10 -11.82
C ALA E 68 8.09 1.05 -12.37
N THR E 69 8.15 1.29 -13.69
CA THR E 69 7.10 2.04 -14.39
C THR E 69 6.81 1.49 -15.80
N MET E 70 5.57 1.09 -16.02
CA MET E 70 5.16 0.54 -17.30
C MET E 70 4.61 1.67 -18.17
N THR E 71 5.10 1.75 -19.40
CA THR E 71 4.64 2.73 -20.41
C THR E 71 4.75 2.12 -21.81
N VAL E 72 3.81 2.45 -22.67
CA VAL E 72 3.82 1.96 -24.04
C VAL E 72 4.02 3.07 -25.07
N ASP E 73 4.08 2.66 -26.33
CA ASP E 73 4.26 3.56 -27.45
C ASP E 73 3.49 2.93 -28.59
N THR E 74 2.16 2.94 -28.42
CA THR E 74 1.19 2.30 -29.33
C THR E 74 1.45 2.52 -30.84
N SER E 75 2.12 3.62 -31.16
CA SER E 75 2.63 3.88 -32.50
C SER E 75 3.55 2.74 -32.97
N THR E 76 4.66 2.55 -32.28
CA THR E 76 5.61 1.50 -32.64
C THR E 76 5.25 0.10 -32.14
N ASN E 77 4.11 -0.03 -31.46
CA ASN E 77 3.70 -1.29 -30.82
C ASN E 77 4.82 -1.82 -29.89
N THR E 78 5.29 -0.93 -29.01
CA THR E 78 6.37 -1.27 -28.12
C THR E 78 6.07 -0.89 -26.68
N ALA E 79 6.17 -1.88 -25.80
CA ALA E 79 6.00 -1.69 -24.37
C ALA E 79 7.36 -1.64 -23.70
N TYR E 80 7.51 -0.63 -22.86
CA TYR E 80 8.71 -0.43 -22.10
C TYR E 80 8.40 -0.71 -20.63
N MET E 81 9.46 -0.79 -19.83
CA MET E 81 9.36 -0.96 -18.41
C MET E 81 10.64 -0.36 -17.87
N GLU E 82 10.50 0.70 -17.08
CA GLU E 82 11.66 1.41 -16.57
C GLU E 82 11.83 1.21 -15.07
N LEU E 83 12.96 0.64 -14.70
CA LEU E 83 13.27 0.43 -13.30
C LEU E 83 14.11 1.57 -12.78
N SER E 84 13.60 2.29 -11.79
CA SER E 84 14.31 3.45 -11.22
C SER E 84 15.28 3.05 -10.10
N SER E 85 16.24 3.94 -9.82
CA SER E 85 17.27 3.77 -8.79
C SER E 85 17.56 2.31 -8.44
N LEU E 86 18.46 1.70 -9.21
CA LEU E 86 18.73 0.26 -9.11
C LEU E 86 19.43 -0.13 -7.82
N ARG E 87 19.03 -1.28 -7.28
CA ARG E 87 19.72 -1.91 -6.15
C ARG E 87 20.40 -3.17 -6.68
N SER E 88 21.54 -3.54 -6.10
CA SER E 88 22.22 -4.76 -6.54
C SER E 88 21.36 -6.00 -6.33
N GLU E 89 20.24 -5.85 -5.61
CA GLU E 89 19.22 -6.90 -5.50
C GLU E 89 18.24 -6.87 -6.71
N ASP E 90 18.26 -5.79 -7.49
CA ASP E 90 17.43 -5.70 -8.70
C ASP E 90 17.95 -6.50 -9.88
N THR E 91 19.06 -7.20 -9.73
CA THR E 91 19.65 -7.91 -10.87
C THR E 91 18.85 -9.15 -11.16
N ALA E 92 18.22 -9.18 -12.34
CA ALA E 92 17.37 -10.29 -12.73
C ALA E 92 17.12 -10.26 -14.22
N VAL E 93 16.48 -11.31 -14.72
CA VAL E 93 16.06 -11.35 -16.10
C VAL E 93 14.69 -10.72 -16.16
N TYR E 94 14.52 -9.77 -17.07
CA TYR E 94 13.26 -9.04 -17.15
C TYR E 94 12.43 -9.44 -18.34
N TYR E 95 11.42 -10.27 -18.07
CA TYR E 95 10.55 -10.83 -19.08
C TYR E 95 9.34 -9.91 -19.29
N CYS E 96 8.81 -9.93 -20.50
CA CYS E 96 7.54 -9.29 -20.82
C CYS E 96 6.62 -10.36 -21.40
N ALA E 97 5.32 -10.13 -21.30
CA ALA E 97 4.33 -11.12 -21.72
C ALA E 97 2.98 -10.48 -22.06
N SER E 98 2.44 -10.89 -23.20
CA SER E 98 1.04 -10.66 -23.49
C SER E 98 0.27 -11.83 -22.84
N ARG E 99 -0.55 -11.52 -21.83
CA ARG E 99 -1.37 -12.53 -21.17
C ARG E 99 -2.73 -11.93 -20.88
N ASP E 100 -3.79 -12.67 -21.19
CA ASP E 100 -5.08 -12.07 -21.48
C ASP E 100 -6.11 -13.16 -21.64
N TYR E 101 -7.38 -12.77 -21.68
CA TYR E 101 -8.41 -13.69 -22.10
C TYR E 101 -8.96 -13.21 -23.43
N ASP E 102 -9.01 -14.11 -24.40
CA ASP E 102 -9.61 -13.86 -25.70
C ASP E 102 -11.08 -13.52 -25.55
N TYR E 103 -11.58 -12.68 -26.45
CA TYR E 103 -13.04 -12.47 -26.63
C TYR E 103 -13.75 -13.84 -26.66
N ALA E 104 -13.02 -14.86 -27.14
CA ALA E 104 -13.41 -16.29 -27.09
C ALA E 104 -13.56 -16.81 -25.64
N GLY E 105 -12.64 -16.41 -24.77
CA GLY E 105 -12.63 -16.91 -23.39
C GLY E 105 -11.48 -17.84 -23.07
N ARG E 106 -10.77 -18.31 -24.09
CA ARG E 106 -9.55 -19.09 -23.94
C ARG E 106 -8.42 -18.12 -23.60
N TYR E 107 -7.50 -18.54 -22.71
CA TYR E 107 -6.38 -17.67 -22.28
C TYR E 107 -5.35 -17.44 -23.38
N PHE E 108 -4.79 -16.24 -23.42
CA PHE E 108 -3.86 -15.82 -24.45
C PHE E 108 -2.52 -15.46 -23.76
N ASP E 109 -1.46 -16.24 -23.98
CA ASP E 109 -0.18 -15.85 -23.39
C ASP E 109 1.09 -16.25 -24.14
N TYR E 110 1.94 -15.26 -24.34
CA TYR E 110 3.20 -15.40 -25.06
C TYR E 110 4.30 -14.63 -24.33
N TRP E 111 5.55 -14.94 -24.60
CA TRP E 111 6.63 -14.38 -23.81
C TRP E 111 7.80 -13.92 -24.68
N GLY E 112 8.49 -12.87 -24.26
CA GLY E 112 9.75 -12.45 -24.85
C GLY E 112 10.91 -13.35 -24.42
N GLN E 113 12.12 -13.01 -24.86
CA GLN E 113 13.31 -13.75 -24.48
C GLN E 113 13.74 -13.37 -23.07
N GLY E 114 13.18 -12.29 -22.54
CA GLY E 114 13.69 -11.69 -21.31
C GLY E 114 14.96 -10.89 -21.53
N THR E 115 15.19 -9.91 -20.65
CA THR E 115 16.30 -8.96 -20.79
C THR E 115 17.11 -9.00 -19.50
N LEU E 116 18.41 -9.28 -19.61
CA LEU E 116 19.25 -9.37 -18.42
C LEU E 116 19.87 -8.04 -17.99
N VAL E 117 19.31 -7.48 -16.92
CA VAL E 117 19.84 -6.26 -16.32
C VAL E 117 20.72 -6.60 -15.11
N THR E 118 22.02 -6.32 -15.24
CA THR E 118 23.03 -6.57 -14.18
C THR E 118 23.40 -5.26 -13.47
N VAL E 119 23.29 -5.25 -12.15
CA VAL E 119 23.67 -4.08 -11.36
C VAL E 119 25.04 -4.32 -10.76
N SER E 120 26.05 -3.58 -11.23
CA SER E 120 27.42 -3.76 -10.73
C SER E 120 28.27 -2.52 -10.90
N SER E 121 29.18 -2.30 -9.95
CA SER E 121 30.12 -1.19 -10.00
C SER E 121 31.10 -1.38 -11.15
N ALA E 122 31.62 -2.61 -11.25
CA ALA E 122 32.59 -3.03 -12.28
C ALA E 122 32.10 -2.74 -13.69
N SER E 123 33.04 -2.43 -14.57
CA SER E 123 32.69 -1.98 -15.93
C SER E 123 32.86 -3.07 -17.00
N THR E 124 32.21 -2.85 -18.14
CA THR E 124 32.25 -3.73 -19.32
C THR E 124 33.61 -4.39 -19.63
N LYS E 125 33.57 -5.50 -20.38
CA LYS E 125 34.75 -6.09 -20.99
C LYS E 125 34.36 -7.07 -22.11
N GLY E 126 35.10 -7.01 -23.21
CA GLY E 126 34.93 -7.95 -24.31
C GLY E 126 35.58 -9.29 -23.98
N PRO E 127 35.12 -10.36 -24.67
CA PRO E 127 35.63 -11.72 -24.45
C PRO E 127 36.79 -12.16 -25.38
N SER E 128 37.26 -13.40 -25.19
CA SER E 128 38.24 -14.02 -26.08
C SER E 128 37.87 -15.49 -26.41
N GLY E 147 34.98 -27.15 -28.78
CA GLY E 147 35.41 -26.03 -29.60
C GLY E 147 36.35 -25.08 -28.88
N CYS E 148 35.89 -23.84 -28.72
CA CYS E 148 36.73 -22.71 -28.26
C CYS E 148 36.28 -22.09 -26.94
N LEU E 149 37.27 -21.65 -26.14
CA LEU E 149 37.03 -20.94 -24.87
C LEU E 149 36.80 -19.45 -25.11
N VAL E 150 35.88 -18.87 -24.34
CA VAL E 150 35.65 -17.42 -24.32
C VAL E 150 35.91 -16.88 -22.91
N LYS E 151 37.04 -16.21 -22.70
CA LYS E 151 37.43 -15.78 -21.34
C LYS E 151 37.45 -14.26 -21.13
N ASP E 152 37.38 -13.88 -19.84
CA ASP E 152 37.48 -12.49 -19.36
C ASP E 152 36.54 -11.50 -20.05
N TYR E 153 35.31 -11.46 -19.54
CA TYR E 153 34.28 -10.55 -20.04
C TYR E 153 33.26 -10.19 -18.96
N PHE E 154 32.69 -8.99 -19.07
CA PHE E 154 31.68 -8.49 -18.15
C PHE E 154 30.81 -7.51 -18.93
N PRO E 155 29.48 -7.56 -18.74
CA PRO E 155 28.70 -8.45 -17.88
C PRO E 155 28.28 -9.73 -18.60
N GLU E 156 27.03 -10.15 -18.41
CA GLU E 156 26.48 -11.31 -19.09
C GLU E 156 25.34 -10.85 -19.98
N PRO E 157 24.97 -11.67 -20.99
CA PRO E 157 25.57 -12.94 -21.34
C PRO E 157 26.42 -12.90 -22.61
N VAL E 158 27.27 -13.90 -22.77
CA VAL E 158 27.87 -14.20 -24.05
C VAL E 158 26.98 -15.26 -24.70
N THR E 159 26.73 -15.11 -26.00
CA THR E 159 25.95 -16.09 -26.75
C THR E 159 26.76 -16.77 -27.85
N VAL E 160 26.82 -18.10 -27.81
CA VAL E 160 27.64 -18.88 -28.76
C VAL E 160 26.79 -19.71 -29.75
N SER E 161 27.12 -19.62 -31.04
CA SER E 161 26.52 -20.47 -32.06
C SER E 161 27.56 -21.45 -32.62
N TRP E 162 27.18 -22.22 -33.63
CA TRP E 162 28.11 -23.10 -34.36
C TRP E 162 27.82 -23.15 -35.86
N ASN E 163 28.89 -23.26 -36.65
CA ASN E 163 28.86 -23.06 -38.11
C ASN E 163 28.12 -21.77 -38.52
N SER E 164 27.28 -21.85 -39.55
CA SER E 164 26.54 -20.69 -40.05
C SER E 164 25.26 -20.44 -39.23
N GLY E 165 25.20 -21.03 -38.04
CA GLY E 165 23.96 -21.05 -37.28
C GLY E 165 23.03 -22.15 -37.79
N ALA E 166 23.56 -23.02 -38.66
CA ALA E 166 22.84 -24.18 -39.18
C ALA E 166 23.12 -25.46 -38.36
N LEU E 167 24.39 -25.65 -37.97
CA LEU E 167 24.78 -26.74 -37.07
C LEU E 167 24.19 -26.50 -35.68
N THR E 168 23.74 -27.58 -35.04
CA THR E 168 23.11 -27.50 -33.71
C THR E 168 23.36 -28.75 -32.88
N SER E 169 23.26 -29.92 -33.50
CA SER E 169 23.41 -31.20 -32.80
C SER E 169 24.74 -31.29 -32.05
N GLY E 170 24.68 -31.86 -30.85
CA GLY E 170 25.87 -32.20 -30.08
C GLY E 170 26.55 -31.07 -29.33
N VAL E 171 25.92 -29.90 -29.31
CA VAL E 171 26.49 -28.73 -28.62
C VAL E 171 26.34 -28.80 -27.10
N HIS E 172 27.29 -28.18 -26.42
CA HIS E 172 27.27 -28.03 -24.96
C HIS E 172 27.90 -26.69 -24.59
N THR E 173 27.09 -25.63 -24.61
CA THR E 173 27.54 -24.29 -24.17
C THR E 173 27.40 -24.15 -22.64
N PHE E 174 28.47 -24.46 -21.92
CA PHE E 174 28.49 -24.51 -20.46
C PHE E 174 28.06 -23.19 -19.77
N PRO E 175 27.58 -23.28 -18.53
CA PRO E 175 27.30 -22.09 -17.73
C PRO E 175 28.59 -21.33 -17.44
N ALA E 176 28.51 -20.00 -17.46
CA ALA E 176 29.67 -19.16 -17.19
C ALA E 176 30.24 -19.44 -15.80
N VAL E 177 31.52 -19.12 -15.63
CA VAL E 177 32.16 -19.22 -14.33
C VAL E 177 32.77 -17.87 -13.94
N LEU E 178 32.49 -17.42 -12.71
CA LEU E 178 33.03 -16.18 -12.18
C LEU E 178 34.43 -16.33 -11.60
N GLN E 179 35.43 -15.84 -12.33
CA GLN E 179 36.82 -15.87 -11.89
C GLN E 179 37.04 -14.84 -10.75
N SER E 180 38.18 -14.94 -10.06
CA SER E 180 38.50 -14.08 -8.91
C SER E 180 38.66 -12.59 -9.30
N SER E 181 38.75 -12.33 -10.59
CA SER E 181 38.90 -10.98 -11.11
C SER E 181 37.57 -10.25 -11.31
N GLY E 182 36.47 -10.86 -10.89
CA GLY E 182 35.14 -10.34 -11.18
C GLY E 182 34.70 -10.61 -12.62
N LEU E 183 35.66 -11.04 -13.45
CA LEU E 183 35.41 -11.37 -14.86
C LEU E 183 34.98 -12.84 -15.07
N TYR E 184 34.28 -13.07 -16.19
CA TYR E 184 33.65 -14.36 -16.50
C TYR E 184 34.41 -15.16 -17.54
N SER E 185 34.24 -16.49 -17.52
CA SER E 185 34.85 -17.40 -18.50
C SER E 185 34.00 -18.66 -18.66
N LEU E 186 33.69 -19.00 -19.91
CA LEU E 186 32.73 -20.04 -20.26
C LEU E 186 33.17 -20.88 -21.46
N SER E 187 33.30 -22.19 -21.26
CA SER E 187 33.66 -23.12 -22.35
C SER E 187 32.47 -23.46 -23.27
N SER E 188 32.76 -24.03 -24.44
CA SER E 188 31.71 -24.35 -25.44
C SER E 188 32.11 -25.50 -26.41
N VAL E 189 31.90 -26.75 -25.98
CA VAL E 189 32.37 -27.93 -26.72
C VAL E 189 31.33 -28.56 -27.67
N VAL E 190 31.78 -28.94 -28.88
CA VAL E 190 30.97 -29.73 -29.82
C VAL E 190 31.56 -31.14 -29.94
N THR E 191 30.88 -32.05 -30.64
CA THR E 191 31.29 -33.46 -30.57
C THR E 191 31.91 -34.16 -31.79
N VAL E 192 33.22 -34.45 -31.62
CA VAL E 192 33.85 -35.75 -32.01
C VAL E 192 35.32 -35.67 -31.57
N TYR E 202 33.65 -25.94 -39.19
CA TYR E 202 33.42 -25.70 -37.76
C TYR E 202 33.91 -24.30 -37.33
N ILE E 203 32.97 -23.35 -37.33
CA ILE E 203 33.22 -21.97 -36.90
C ILE E 203 32.13 -21.51 -35.92
N CYS E 204 32.50 -20.74 -34.90
CA CYS E 204 31.55 -20.40 -33.84
C CYS E 204 31.23 -18.92 -33.69
N ASN E 205 30.00 -18.55 -34.02
CA ASN E 205 29.52 -17.18 -33.83
C ASN E 205 29.32 -16.79 -32.34
N VAL E 206 30.42 -16.38 -31.70
CA VAL E 206 30.45 -16.03 -30.26
C VAL E 206 30.25 -14.52 -30.01
N ASN E 207 29.04 -14.13 -29.61
CA ASN E 207 28.65 -12.72 -29.51
C ASN E 207 28.35 -12.20 -28.09
N HIS E 208 28.80 -10.98 -27.82
CA HIS E 208 28.67 -10.33 -26.52
C HIS E 208 28.01 -8.96 -26.68
N LYS E 209 26.69 -8.96 -26.75
CA LYS E 209 25.90 -7.76 -27.06
C LYS E 209 26.21 -6.50 -26.20
N PRO E 210 26.41 -6.66 -24.87
CA PRO E 210 26.72 -5.50 -24.01
C PRO E 210 28.07 -4.78 -24.24
N SER E 211 28.98 -5.37 -25.03
CA SER E 211 30.24 -4.70 -25.36
C SER E 211 30.46 -4.58 -26.87
N ASN E 212 29.36 -4.61 -27.62
CA ASN E 212 29.36 -4.66 -29.08
C ASN E 212 30.56 -5.41 -29.68
N THR E 213 30.62 -6.70 -29.39
CA THR E 213 31.79 -7.51 -29.72
C THR E 213 31.36 -8.83 -30.35
N LYS E 214 31.17 -8.82 -31.67
CA LYS E 214 31.04 -10.05 -32.46
C LYS E 214 32.45 -10.47 -32.89
N VAL E 215 32.78 -11.75 -32.70
CA VAL E 215 34.13 -12.25 -33.02
C VAL E 215 34.23 -13.79 -33.09
N ASP E 216 33.99 -14.36 -34.29
CA ASP E 216 34.06 -15.83 -34.50
C ASP E 216 35.33 -16.39 -35.14
N LYS E 217 35.93 -17.38 -34.49
CA LYS E 217 37.13 -18.06 -34.99
C LYS E 217 36.77 -19.39 -35.69
N LYS E 218 37.79 -20.08 -36.23
CA LYS E 218 37.59 -21.36 -36.90
C LYS E 218 38.47 -22.44 -36.28
N LYS F 4 25.74 13.66 -19.54
CA LYS F 4 25.34 12.85 -18.32
C LYS F 4 26.14 11.55 -18.14
N LYS F 5 26.68 11.33 -16.93
CA LYS F 5 27.45 10.10 -16.59
C LYS F 5 27.47 9.78 -15.09
N VAL F 6 27.25 8.50 -14.75
CA VAL F 6 27.30 8.05 -13.35
C VAL F 6 28.62 7.33 -13.01
N CYS F 7 29.37 7.82 -12.02
CA CYS F 7 30.67 7.23 -11.65
C CYS F 7 30.70 6.62 -10.26
N ASN F 8 31.31 5.44 -10.14
CA ASN F 8 31.66 4.89 -8.83
C ASN F 8 32.24 5.98 -7.94
N GLY F 9 31.88 5.96 -6.66
CA GLY F 9 32.38 6.94 -5.70
C GLY F 9 33.53 6.36 -4.92
N ILE F 10 33.83 6.94 -3.76
CA ILE F 10 34.85 6.37 -2.90
C ILE F 10 34.25 5.16 -2.16
N GLY F 11 34.97 4.04 -2.17
CA GLY F 11 34.49 2.79 -1.57
C GLY F 11 33.97 1.80 -2.62
N ILE F 12 33.01 2.26 -3.42
CA ILE F 12 32.41 1.45 -4.49
C ILE F 12 33.41 1.19 -5.61
N GLY F 13 33.43 -0.05 -6.11
CA GLY F 13 34.29 -0.41 -7.23
C GLY F 13 35.76 -0.38 -6.87
N GLU F 14 36.61 -0.18 -7.88
CA GLU F 14 38.07 -0.03 -7.69
C GLU F 14 38.45 1.04 -6.67
N PHE F 15 37.56 2.00 -6.44
CA PHE F 15 37.78 3.02 -5.41
C PHE F 15 37.48 2.53 -3.99
N LYS F 16 37.30 1.21 -3.83
CA LYS F 16 37.32 0.58 -2.50
C LYS F 16 38.76 0.61 -1.96
N ASP F 17 38.88 0.40 -0.65
CA ASP F 17 40.20 0.33 0.01
C ASP F 17 40.88 1.69 0.07
N SER F 18 40.19 2.74 -0.39
CA SER F 18 40.76 4.08 -0.46
C SER F 18 39.97 5.09 0.36
N LEU F 19 40.60 5.54 1.44
CA LEU F 19 39.95 6.40 2.44
C LEU F 19 39.36 7.72 1.91
N SER F 20 39.99 8.36 0.92
CA SER F 20 39.50 9.68 0.50
C SER F 20 39.61 9.99 -0.98
N ILE F 21 38.97 11.08 -1.40
CA ILE F 21 39.27 11.68 -2.69
C ILE F 21 40.67 12.23 -2.56
N ASN F 22 41.50 12.00 -3.58
CA ASN F 22 42.89 12.44 -3.55
C ASN F 22 43.56 12.49 -4.91
N ALA F 23 44.75 13.08 -4.95
CA ALA F 23 45.57 13.13 -6.15
C ALA F 23 45.39 11.92 -7.07
N THR F 24 45.64 10.72 -6.55
CA THR F 24 45.67 9.52 -7.38
C THR F 24 44.34 9.28 -8.11
N ASN F 25 43.22 9.41 -7.40
CA ASN F 25 41.89 9.14 -7.99
C ASN F 25 41.13 10.33 -8.54
N ILE F 26 41.30 11.50 -7.92
CA ILE F 26 40.54 12.72 -8.27
C ILE F 26 40.20 12.87 -9.76
N LYS F 27 41.19 12.65 -10.61
CA LYS F 27 41.04 12.83 -12.05
C LYS F 27 39.97 11.92 -12.62
N HIS F 28 39.84 10.73 -12.06
CA HIS F 28 38.82 9.76 -12.47
C HIS F 28 37.38 10.26 -12.21
N PHE F 29 37.25 11.53 -11.82
CA PHE F 29 35.93 12.17 -11.66
C PHE F 29 35.66 13.24 -12.71
N LYS F 30 36.41 13.22 -13.82
CA LYS F 30 36.31 14.28 -14.83
C LYS F 30 34.99 14.20 -15.61
N ASN F 31 34.27 15.32 -15.63
CA ASN F 31 32.97 15.39 -16.30
C ASN F 31 31.93 14.41 -15.76
N CYS F 32 31.83 14.30 -14.43
CA CYS F 32 30.86 13.38 -13.80
C CYS F 32 29.57 14.07 -13.40
N THR F 33 28.48 13.31 -13.47
CA THR F 33 27.15 13.82 -13.16
C THR F 33 26.59 13.23 -11.86
N SER F 34 26.29 11.94 -11.86
CA SER F 34 25.85 11.27 -10.63
C SER F 34 26.98 10.44 -10.05
N ILE F 35 27.00 10.31 -8.73
CA ILE F 35 28.01 9.52 -8.06
C ILE F 35 27.39 8.38 -7.27
N SER F 36 27.40 7.21 -7.90
CA SER F 36 27.07 5.96 -7.22
C SER F 36 28.11 5.71 -6.13
N GLY F 37 27.77 6.08 -4.90
CA GLY F 37 28.69 5.93 -3.77
C GLY F 37 28.74 7.16 -2.89
N ASP F 38 29.79 7.23 -2.07
CA ASP F 38 29.97 8.34 -1.14
C ASP F 38 31.17 9.21 -1.54
N LEU F 39 31.13 10.48 -1.14
CA LEU F 39 32.27 11.38 -1.32
C LEU F 39 32.95 11.68 0.01
N HIS F 40 34.24 11.38 0.08
CA HIS F 40 35.02 11.53 1.29
C HIS F 40 36.21 12.44 1.05
N ILE F 41 36.25 13.55 1.76
CA ILE F 41 37.42 14.42 1.67
C ILE F 41 38.02 14.53 3.04
N LEU F 42 39.07 13.76 3.29
CA LEU F 42 39.69 13.66 4.60
C LEU F 42 41.01 14.48 4.72
N PRO F 43 41.44 14.80 5.97
CA PRO F 43 42.80 15.35 6.16
C PRO F 43 43.84 14.76 5.21
N VAL F 44 43.81 13.44 5.04
CA VAL F 44 44.84 12.72 4.29
C VAL F 44 44.90 13.11 2.81
N ALA F 45 43.83 13.70 2.31
CA ALA F 45 43.78 14.11 0.91
C ALA F 45 44.73 15.27 0.63
N PHE F 46 44.97 16.08 1.66
CA PHE F 46 45.85 17.23 1.55
C PHE F 46 47.24 16.96 2.12
N ARG F 47 47.31 16.13 3.15
CA ARG F 47 48.60 15.70 3.66
C ARG F 47 49.29 14.73 2.70
N GLY F 48 48.52 13.95 1.93
CA GLY F 48 49.07 12.86 1.10
C GLY F 48 49.55 11.72 1.98
N ASP F 49 49.67 10.52 1.43
CA ASP F 49 50.09 9.36 2.25
C ASP F 49 51.25 8.55 1.65
N SER F 50 52.28 8.36 2.47
CA SER F 50 53.43 7.55 2.07
C SER F 50 53.03 6.09 1.98
N PHE F 51 52.28 5.63 2.99
CA PHE F 51 51.90 4.21 3.12
C PHE F 51 51.14 3.72 1.90
N THR F 52 50.22 4.54 1.38
CA THR F 52 49.38 4.16 0.24
C THR F 52 49.92 4.66 -1.09
N HIS F 53 51.16 5.15 -1.09
CA HIS F 53 51.81 5.61 -2.33
C HIS F 53 51.07 6.78 -2.97
N THR F 54 50.77 7.81 -2.18
CA THR F 54 49.83 8.84 -2.61
C THR F 54 50.29 10.30 -2.40
N PRO F 55 50.55 11.02 -3.52
CA PRO F 55 50.82 12.48 -3.57
C PRO F 55 49.68 13.33 -3.01
N PRO F 56 50.01 14.48 -2.37
CA PRO F 56 48.98 15.41 -1.87
C PRO F 56 48.18 16.08 -2.99
N LEU F 57 46.93 16.45 -2.71
CA LEU F 57 46.04 17.00 -3.75
C LEU F 57 46.27 18.50 -3.97
N ASP F 58 46.39 18.89 -5.23
CA ASP F 58 46.37 20.29 -5.62
C ASP F 58 44.94 20.74 -5.48
N PRO F 59 44.64 21.49 -4.41
CA PRO F 59 43.27 21.89 -4.12
C PRO F 59 42.61 22.65 -5.28
N GLN F 60 43.35 22.84 -6.37
CA GLN F 60 42.77 23.37 -7.59
C GLN F 60 41.98 22.27 -8.29
N GLU F 61 42.35 21.01 -8.05
CA GLU F 61 41.76 19.84 -8.72
C GLU F 61 40.39 19.45 -8.17
N LEU F 62 39.99 20.09 -7.08
CA LEU F 62 38.64 19.97 -6.53
C LEU F 62 37.62 20.63 -7.46
N ASP F 63 38.08 21.56 -8.29
CA ASP F 63 37.23 22.16 -9.33
C ASP F 63 36.66 21.14 -10.31
N ILE F 64 37.19 19.92 -10.28
CA ILE F 64 36.69 18.81 -11.11
C ILE F 64 35.29 18.34 -10.65
N LEU F 65 35.04 18.44 -9.34
CA LEU F 65 33.75 18.06 -8.77
C LEU F 65 32.57 18.94 -9.23
N LYS F 66 32.89 20.03 -9.95
CA LYS F 66 31.91 21.07 -10.32
C LYS F 66 30.68 20.59 -11.11
N THR F 67 30.83 19.48 -11.82
CA THR F 67 29.75 18.92 -12.66
C THR F 67 28.83 17.88 -11.99
N VAL F 68 29.08 17.59 -10.71
CA VAL F 68 28.35 16.54 -9.96
C VAL F 68 27.01 17.01 -9.38
N LYS F 69 25.90 16.58 -9.99
CA LYS F 69 24.58 16.99 -9.55
C LYS F 69 23.97 16.09 -8.45
N GLU F 70 24.22 14.78 -8.57
CA GLU F 70 23.66 13.78 -7.66
C GLU F 70 24.76 13.01 -6.94
N ILE F 71 24.56 12.75 -5.64
CA ILE F 71 25.38 11.80 -4.87
C ILE F 71 24.46 10.75 -4.25
N THR F 72 24.57 9.50 -4.70
CA THR F 72 23.62 8.46 -4.28
C THR F 72 23.81 8.05 -2.81
N GLY F 73 25.06 7.96 -2.37
CA GLY F 73 25.36 7.72 -0.96
C GLY F 73 25.40 9.02 -0.18
N PHE F 74 26.49 9.24 0.56
CA PHE F 74 26.60 10.41 1.43
C PHE F 74 27.80 11.31 1.14
N LEU F 75 27.75 12.52 1.67
CA LEU F 75 28.87 13.46 1.57
C LEU F 75 29.56 13.67 2.91
N LEU F 76 30.89 13.60 2.90
CA LEU F 76 31.68 13.72 4.12
C LEU F 76 32.92 14.58 3.86
N ILE F 77 32.86 15.80 4.35
CA ILE F 77 33.97 16.73 4.22
C ILE F 77 34.53 17.05 5.60
N GLN F 78 35.65 16.41 5.92
CA GLN F 78 36.31 16.60 7.22
C GLN F 78 37.51 17.53 7.11
N ALA F 79 38.22 17.46 5.98
CA ALA F 79 39.25 18.41 5.63
C ALA F 79 38.81 19.24 4.43
N TRP F 80 39.45 20.38 4.22
CA TRP F 80 39.14 21.28 3.08
C TRP F 80 40.08 22.47 3.16
N PRO F 81 40.57 22.94 1.99
CA PRO F 81 41.64 23.92 1.84
C PRO F 81 41.53 25.13 2.77
N GLU F 82 42.49 25.24 3.70
CA GLU F 82 42.46 26.24 4.77
C GLU F 82 42.10 27.66 4.29
N ASN F 83 42.54 28.00 3.09
CA ASN F 83 42.26 29.32 2.51
C ASN F 83 41.01 29.37 1.62
N ARG F 84 40.57 28.23 1.07
CA ARG F 84 39.32 28.20 0.35
C ARG F 84 38.19 28.36 1.38
N THR F 85 37.37 29.41 1.24
CA THR F 85 36.42 29.82 2.30
C THR F 85 35.01 29.24 2.18
N ASP F 86 34.82 28.41 1.17
CA ASP F 86 33.50 27.99 0.71
C ASP F 86 33.53 26.52 0.25
N LEU F 87 32.34 25.96 0.01
CA LEU F 87 32.25 24.68 -0.65
C LEU F 87 31.88 24.98 -2.09
N HIS F 88 32.87 25.52 -2.81
CA HIS F 88 32.69 25.96 -4.19
C HIS F 88 32.44 24.78 -5.12
N ALA F 89 33.32 23.80 -5.06
CA ALA F 89 33.30 22.65 -5.95
C ALA F 89 31.92 22.00 -6.06
N PHE F 90 31.17 22.08 -4.96
CA PHE F 90 29.86 21.44 -4.88
C PHE F 90 28.72 22.43 -5.12
N GLU F 91 29.00 23.47 -5.88
CA GLU F 91 28.03 24.51 -6.16
C GLU F 91 26.86 23.92 -6.92
N ASN F 92 27.16 23.06 -7.88
CA ASN F 92 26.12 22.51 -8.73
C ASN F 92 25.44 21.27 -8.17
N LEU F 93 25.86 20.84 -6.97
CA LEU F 93 25.29 19.67 -6.28
C LEU F 93 23.85 19.92 -5.89
N GLU F 94 22.96 19.14 -6.47
CA GLU F 94 21.52 19.35 -6.30
C GLU F 94 20.88 18.36 -5.32
N ILE F 95 21.42 17.15 -5.24
CA ILE F 95 20.78 16.13 -4.42
C ILE F 95 21.71 15.04 -3.88
N ILE F 96 21.50 14.70 -2.60
CA ILE F 96 22.15 13.58 -1.96
C ILE F 96 21.06 12.55 -1.62
N ARG F 97 21.29 11.28 -1.89
CA ARG F 97 20.26 10.29 -1.62
C ARG F 97 20.40 9.77 -0.21
N GLY F 98 21.64 9.55 0.22
CA GLY F 98 21.87 9.01 1.55
C GLY F 98 21.55 7.53 1.59
N ARG F 99 21.54 6.90 0.42
CA ARG F 99 21.32 5.45 0.30
C ARG F 99 22.31 4.67 1.18
N THR F 100 23.48 5.22 1.40
CA THR F 100 24.33 4.78 2.50
C THR F 100 24.61 6.02 3.34
N LYS F 101 25.01 5.83 4.61
CA LYS F 101 25.12 6.96 5.55
C LYS F 101 26.32 6.83 6.49
N GLN F 102 27.02 7.93 6.77
CA GLN F 102 28.09 7.92 7.77
C GLN F 102 27.52 7.47 9.12
N HIS F 103 28.10 6.41 9.67
CA HIS F 103 27.62 5.73 10.89
C HIS F 103 26.15 5.32 10.77
N GLY F 104 25.71 5.09 9.53
CA GLY F 104 24.31 4.84 9.21
C GLY F 104 23.34 6.00 9.45
N GLN F 105 23.87 7.18 9.84
CA GLN F 105 23.03 8.32 10.19
C GLN F 105 23.15 9.48 9.22
N PHE F 106 24.39 9.92 8.97
CA PHE F 106 24.64 11.20 8.31
C PHE F 106 24.92 11.14 6.82
N SER F 107 24.08 11.81 6.04
CA SER F 107 24.25 11.90 4.59
C SER F 107 25.00 13.17 4.18
N LEU F 108 25.00 14.16 5.05
CA LEU F 108 25.81 15.34 4.88
C LEU F 108 26.62 15.54 6.15
N ALA F 109 27.93 15.66 5.98
CA ALA F 109 28.83 15.83 7.09
C ALA F 109 29.84 16.90 6.74
N VAL F 110 29.68 18.08 7.33
CA VAL F 110 30.66 19.15 7.15
C VAL F 110 31.31 19.46 8.50
N VAL F 111 32.39 18.77 8.83
CA VAL F 111 33.00 18.98 10.15
C VAL F 111 34.31 19.76 10.13
N SER F 112 34.58 20.46 11.23
CA SER F 112 35.86 21.15 11.51
C SER F 112 36.55 21.76 10.28
N LEU F 113 35.83 22.63 9.59
CA LEU F 113 36.37 23.29 8.43
C LEU F 113 36.60 24.78 8.67
N ASN F 114 37.31 25.40 7.73
CA ASN F 114 37.49 26.83 7.76
C ASN F 114 36.45 27.61 6.96
N ILE F 115 35.53 26.91 6.28
CA ILE F 115 34.42 27.58 5.60
C ILE F 115 33.86 28.77 6.41
N THR F 116 33.45 29.83 5.71
CA THR F 116 32.69 30.93 6.33
C THR F 116 31.24 30.96 5.82
N SER F 117 31.08 30.67 4.53
CA SER F 117 29.79 30.29 3.96
C SER F 117 29.83 28.79 3.60
N LEU F 118 28.66 28.15 3.54
CA LEU F 118 28.57 26.77 3.08
C LEU F 118 28.59 26.73 1.54
N GLY F 119 27.70 27.53 0.93
CA GLY F 119 27.65 27.73 -0.51
C GLY F 119 27.20 26.55 -1.35
N LEU F 120 26.23 25.78 -0.85
CA LEU F 120 25.68 24.65 -1.61
C LEU F 120 24.44 25.12 -2.35
N ARG F 121 24.66 26.03 -3.29
CA ARG F 121 23.58 26.86 -3.84
C ARG F 121 22.50 26.08 -4.60
N SER F 122 22.83 24.89 -5.08
CA SER F 122 21.93 24.12 -5.95
C SER F 122 21.30 22.92 -5.24
N LEU F 123 21.70 22.69 -3.99
CA LEU F 123 21.22 21.55 -3.18
C LEU F 123 19.77 21.71 -2.76
N LYS F 124 18.91 20.90 -3.37
CA LYS F 124 17.46 20.99 -3.19
C LYS F 124 16.86 19.76 -2.50
N GLU F 125 17.65 18.68 -2.37
CA GLU F 125 17.14 17.44 -1.77
C GLU F 125 18.17 16.51 -1.08
N ILE F 126 17.97 16.31 0.22
CA ILE F 126 18.57 15.19 0.95
C ILE F 126 17.47 14.15 1.19
N SER F 127 17.55 13.03 0.46
CA SER F 127 16.48 12.06 0.34
C SER F 127 16.34 11.17 1.57
N ASP F 128 17.44 11.00 2.28
CA ASP F 128 17.49 10.16 3.45
C ASP F 128 18.82 10.43 4.13
N GLY F 129 18.83 10.32 5.45
CA GLY F 129 20.01 10.60 6.25
C GLY F 129 19.90 11.97 6.87
N ASP F 130 20.74 12.22 7.86
CA ASP F 130 20.71 13.45 8.64
C ASP F 130 21.89 14.32 8.27
N VAL F 131 21.85 15.58 8.71
CA VAL F 131 22.87 16.57 8.43
C VAL F 131 23.69 16.90 9.68
N ILE F 132 25.01 16.73 9.60
CA ILE F 132 25.92 17.11 10.66
C ILE F 132 26.77 18.29 10.20
N ILE F 133 26.69 19.40 10.92
CA ILE F 133 27.52 20.56 10.63
C ILE F 133 28.20 21.03 11.93
N SER F 134 29.40 20.51 12.17
CA SER F 134 30.09 20.71 13.45
C SER F 134 31.46 21.37 13.33
N GLY F 135 31.82 22.13 14.37
CA GLY F 135 33.20 22.59 14.57
C GLY F 135 33.81 23.40 13.46
N ASN F 136 32.96 24.02 12.66
CA ASN F 136 33.43 24.85 11.55
C ASN F 136 33.61 26.28 12.06
N LYS F 137 34.71 26.47 12.80
CA LYS F 137 34.98 27.65 13.64
C LYS F 137 34.48 29.01 13.14
N ASN F 138 34.45 29.20 11.83
CA ASN F 138 34.05 30.48 11.23
C ASN F 138 32.78 30.45 10.37
N LEU F 139 32.11 29.29 10.31
CA LEU F 139 30.90 29.14 9.49
C LEU F 139 29.73 29.93 10.05
N CYS F 140 29.02 30.62 9.16
CA CYS F 140 27.80 31.34 9.48
C CYS F 140 26.71 30.90 8.51
N TYR F 141 25.54 31.54 8.56
CA TYR F 141 24.50 31.41 7.53
C TYR F 141 23.68 30.12 7.54
N ALA F 142 24.24 29.06 8.12
CA ALA F 142 23.60 27.73 8.18
C ALA F 142 22.20 27.76 8.80
N ASN F 143 22.06 28.52 9.89
CA ASN F 143 20.80 28.70 10.59
C ASN F 143 19.69 29.25 9.70
N THR F 144 20.02 30.28 8.93
CA THR F 144 18.99 31.06 8.21
C THR F 144 18.06 30.26 7.26
N ILE F 145 18.54 29.10 6.80
CA ILE F 145 17.78 28.24 5.88
C ILE F 145 16.75 27.35 6.60
N ASN F 146 15.78 26.85 5.83
CA ASN F 146 14.76 25.92 6.32
C ASN F 146 15.08 24.50 5.87
N TRP F 147 15.91 23.80 6.65
CA TRP F 147 16.36 22.46 6.30
C TRP F 147 15.22 21.52 5.90
N LYS F 148 14.08 21.68 6.55
CA LYS F 148 12.92 20.86 6.27
C LYS F 148 12.62 20.82 4.78
N LYS F 149 12.66 21.99 4.12
CA LYS F 149 12.39 22.10 2.67
C LYS F 149 13.31 21.19 1.84
N LEU F 150 14.35 20.66 2.49
CA LEU F 150 15.36 19.82 1.86
C LEU F 150 15.18 18.35 2.22
N PHE F 151 14.10 18.04 2.93
CA PHE F 151 14.00 16.73 3.60
C PHE F 151 12.92 15.79 3.07
N GLY F 152 13.17 14.49 3.25
CA GLY F 152 12.33 13.40 2.78
C GLY F 152 11.42 12.75 3.82
N THR F 153 11.83 12.75 5.08
CA THR F 153 10.97 12.26 6.18
C THR F 153 10.88 13.18 7.39
N SER F 154 10.04 12.78 8.34
CA SER F 154 10.11 13.32 9.69
C SER F 154 11.46 12.96 10.30
N GLY F 155 11.87 11.70 10.12
CA GLY F 155 13.04 11.13 10.79
C GLY F 155 14.39 11.82 10.57
N GLN F 156 14.39 12.79 9.65
CA GLN F 156 15.59 13.54 9.32
C GLN F 156 15.86 14.69 10.28
N LYS F 157 17.13 14.81 10.65
CA LYS F 157 17.52 15.72 11.71
C LYS F 157 18.63 16.61 11.21
N THR F 158 18.97 17.60 12.01
CA THR F 158 20.11 18.45 11.79
C THR F 158 20.86 18.56 13.11
N LYS F 159 22.07 18.03 13.17
CA LYS F 159 22.97 18.32 14.28
C LYS F 159 23.93 19.38 13.77
N ILE F 160 23.41 20.60 13.65
CA ILE F 160 24.20 21.77 13.23
C ILE F 160 24.78 22.53 14.45
N ILE F 161 25.73 21.90 15.15
CA ILE F 161 26.27 22.42 16.41
C ILE F 161 27.72 22.94 16.34
N SER F 162 28.02 23.93 17.17
CA SER F 162 29.39 24.29 17.53
C SER F 162 30.19 25.01 16.45
N ASN F 163 29.54 25.99 15.80
CA ASN F 163 30.20 26.81 14.77
C ASN F 163 30.46 28.24 15.27
N ARG F 164 30.60 29.18 14.34
CA ARG F 164 30.73 30.60 14.70
C ARG F 164 29.38 31.15 15.18
N GLY F 165 29.12 31.00 16.49
CA GLY F 165 27.84 31.36 17.11
C GLY F 165 27.07 32.47 16.42
N GLU F 166 25.83 32.18 16.02
CA GLU F 166 24.95 33.11 15.31
C GLU F 166 25.06 34.60 15.71
N ASN F 167 25.45 34.86 16.96
CA ASN F 167 25.66 36.22 17.49
C ASN F 167 26.75 36.99 16.73
N SER F 168 27.98 36.48 16.81
CA SER F 168 29.12 37.08 16.10
C SER F 168 28.83 37.31 14.62
N CYS F 169 27.93 36.50 14.04
CA CYS F 169 27.53 36.65 12.64
C CYS F 169 26.85 37.98 12.43
N LYS F 170 25.71 38.16 13.09
CA LYS F 170 24.95 39.40 13.01
C LYS F 170 25.81 40.58 13.48
N ALA F 171 26.66 40.32 14.47
CA ALA F 171 27.60 41.33 14.99
C ALA F 171 28.60 41.78 13.92
N THR F 172 29.32 40.84 13.34
CA THR F 172 30.26 41.12 12.24
C THR F 172 29.52 41.22 10.90
N GLY F 173 28.19 41.35 10.96
CA GLY F 173 27.36 41.53 9.78
C GLY F 173 27.51 40.41 8.76
N GLN F 174 27.19 39.19 9.19
CA GLN F 174 27.25 38.01 8.33
C GLN F 174 25.87 37.35 8.27
N VAL F 175 24.88 38.10 7.82
CA VAL F 175 23.51 37.60 7.74
C VAL F 175 23.00 37.68 6.31
N CYS F 176 21.77 37.22 6.10
CA CYS F 176 21.15 37.23 4.79
C CYS F 176 21.24 38.58 4.11
N HIS F 177 21.92 38.65 2.97
CA HIS F 177 21.94 39.86 2.14
C HIS F 177 20.50 40.32 1.92
N ALA F 178 20.31 41.64 1.84
CA ALA F 178 18.98 42.23 1.84
C ALA F 178 18.05 41.63 0.77
N LEU F 179 18.61 41.38 -0.42
CA LEU F 179 17.83 40.93 -1.59
C LEU F 179 17.02 39.65 -1.36
N CYS F 180 17.33 38.95 -0.26
CA CYS F 180 16.84 37.60 0.02
C CYS F 180 15.43 37.53 0.56
N SER F 181 14.61 36.73 -0.11
CA SER F 181 13.28 36.38 0.35
C SER F 181 13.43 35.49 1.58
N PRO F 182 13.30 36.08 2.79
CA PRO F 182 13.70 35.42 4.05
C PRO F 182 13.25 33.94 4.17
N GLU F 183 13.95 33.08 3.44
CA GLU F 183 13.77 31.63 3.52
C GLU F 183 15.11 30.97 3.87
N GLY F 184 16.22 31.65 3.55
CA GLY F 184 17.55 31.21 3.94
C GLY F 184 18.73 31.75 3.17
N CYS F 185 19.92 31.47 3.69
CA CYS F 185 21.20 31.81 3.06
C CYS F 185 22.16 30.64 3.03
N TRP F 186 22.90 30.55 1.93
CA TRP F 186 24.02 29.63 1.83
C TRP F 186 25.34 30.39 2.02
N GLY F 187 25.25 31.71 1.88
CA GLY F 187 26.39 32.62 2.02
C GLY F 187 25.90 34.05 2.08
N PRO F 188 26.81 35.03 1.87
CA PRO F 188 26.46 36.45 1.89
C PRO F 188 25.75 36.93 0.62
N GLU F 189 26.46 36.95 -0.51
CA GLU F 189 25.97 37.54 -1.77
C GLU F 189 24.61 36.98 -2.22
N PRO F 190 23.79 37.81 -2.90
CA PRO F 190 22.51 37.49 -3.55
C PRO F 190 22.40 36.08 -4.15
N ARG F 191 23.47 35.55 -4.73
CA ARG F 191 23.45 34.20 -5.30
C ARG F 191 23.52 33.12 -4.20
N ASP F 192 22.80 33.38 -3.10
CA ASP F 192 22.82 32.48 -1.94
C ASP F 192 21.49 32.47 -1.15
N CYS F 193 20.40 32.95 -1.76
CA CYS F 193 19.07 32.90 -1.14
C CYS F 193 18.45 31.52 -1.28
N VAL F 194 18.19 30.86 -0.17
CA VAL F 194 17.56 29.52 -0.19
C VAL F 194 16.07 29.61 -0.45
C1 NAG G . -40.95 -3.97 -5.21
C2 NAG G . -40.38 -5.19 -4.52
C3 NAG G . -40.72 -5.06 -3.04
C4 NAG G . -40.28 -3.68 -2.53
C5 NAG G . -40.36 -2.52 -3.53
C6 NAG G . -39.38 -1.40 -3.16
C7 NAG G . -40.29 -6.79 -6.30
C8 NAG G . -40.77 -8.08 -6.89
N2 NAG G . -40.87 -6.40 -5.16
O3 NAG G . -40.06 -6.07 -2.31
O4 NAG G . -41.08 -3.31 -1.44
O5 NAG G . -40.06 -2.96 -4.83
O6 NAG G . -39.11 -1.38 -1.77
O7 NAG G . -39.39 -6.14 -6.86
C1 NAG H . -39.48 -4.14 0.25
C2 NAG H . -40.46 -3.35 1.10
C3 NAG H . -40.11 -3.73 2.52
C4 NAG H . -40.46 -5.21 2.65
C5 NAG H . -39.85 -6.05 1.52
C6 NAG H . -40.51 -7.41 1.37
C7 NAG H . -41.54 -1.30 0.44
C8 NAG H . -41.41 0.18 0.20
N2 NAG H . -40.42 -1.94 0.80
O3 NAG H . -40.78 -2.88 3.43
O4 NAG H . -39.89 -5.69 3.84
O5 NAG H . -39.98 -5.44 0.24
O6 NAG H . -40.07 -7.92 0.13
O7 NAG H . -42.61 -1.88 0.32
C1 BMA I . -41.46 -6.77 5.91
C2 BMA I . -40.27 -7.66 6.21
C3 BMA I . -39.80 -7.40 7.64
C4 BMA I . -39.51 -5.91 7.88
C5 BMA I . -40.65 -5.03 7.37
C6 BMA I . -40.30 -3.53 7.37
O2 BMA I . -39.19 -7.43 5.27
O3 BMA I . -38.67 -8.24 7.93
O4 BMA I . -39.32 -5.71 9.29
O5 BMA I . -41.04 -5.40 6.03
O6 BMA I . -41.50 -2.73 7.42
C1 MAN J . -39.62 -10.57 5.65
C2 MAN J . -39.60 -11.54 6.84
C3 MAN J . -38.23 -11.61 7.49
C4 MAN J . -37.15 -11.79 6.43
C5 MAN J . -37.19 -10.61 5.47
C6 MAN J . -36.10 -10.71 4.40
O2 MAN J . -40.00 -12.83 6.39
O3 MAN J . -38.18 -12.64 8.46
O4 MAN J . -35.88 -11.90 7.04
O5 MAN J . -38.46 -10.56 4.82
O6 MAN J . -34.84 -10.55 5.01
C1 NAG K . -36.04 17.47 -9.89
C2 NAG K . -35.97 17.52 -8.37
C3 NAG K . -36.64 18.80 -7.91
C4 NAG K . -36.24 20.02 -8.77
C5 NAG K . -35.35 19.78 -10.02
C6 NAG K . -34.01 20.49 -9.84
C7 NAG K . -35.76 15.46 -7.05
C8 NAG K . -36.46 14.33 -6.35
N2 NAG K . -36.52 16.32 -7.73
O3 NAG K . -36.31 19.04 -6.56
O4 NAG K . -37.44 20.66 -9.19
O5 NAG K . -35.10 18.43 -10.36
O6 NAG K . -33.66 21.15 -11.04
O7 NAG K . -34.52 15.54 -6.97
C1 NAG L . -44.07 2.47 -26.29
C2 NAG L . -44.23 3.44 -27.45
C3 NAG L . -45.32 4.45 -27.10
C4 NAG L . -46.60 3.79 -26.56
C5 NAG L . -46.36 2.51 -25.71
C6 NAG L . -47.62 1.64 -25.67
C7 NAG L . -42.11 3.66 -28.73
C8 NAG L . -41.72 4.68 -29.76
N2 NAG L . -42.95 4.08 -27.77
O3 NAG L . -45.65 5.22 -28.23
O4 NAG L . -47.32 4.72 -25.78
O5 NAG L . -45.27 1.73 -26.19
O6 NAG L . -47.29 0.37 -25.15
O7 NAG L . -41.66 2.51 -28.81
C1 NAG M . -39.70 -7.40 -31.33
C2 NAG M . -40.72 -6.35 -30.92
C3 NAG M . -40.95 -5.39 -32.08
C4 NAG M . -39.80 -5.34 -33.10
C5 NAG M . -38.43 -5.94 -32.67
C6 NAG M . -37.38 -4.86 -32.45
C7 NAG M . -42.67 -6.53 -29.45
C8 NAG M . -43.55 -7.53 -28.77
N2 NAG M . -41.95 -6.98 -30.48
O3 NAG M . -41.24 -4.09 -31.60
O4 NAG M . -40.23 -5.96 -34.29
O5 NAG M . -38.48 -6.73 -31.50
O6 NAG M . -36.63 -4.69 -33.63
O7 NAG M . -42.62 -5.37 -29.05
C1 NAG N . -39.76 -3.69 -35.98
C2 NAG N . -39.89 -4.39 -37.32
C3 NAG N . -40.14 -3.35 -38.42
C4 NAG N . -41.18 -2.26 -38.04
C5 NAG N . -41.09 -1.86 -36.56
C6 NAG N . -42.32 -1.03 -36.14
C7 NAG N . -38.57 -6.48 -37.29
C8 NAG N . -37.19 -7.05 -37.44
N2 NAG N . -38.71 -5.18 -37.61
O3 NAG N . -40.61 -4.00 -39.59
O4 NAG N . -40.99 -1.13 -38.86
O5 NAG N . -40.96 -2.99 -35.71
O6 NAG N . -42.52 -1.11 -34.74
O7 NAG N . -39.48 -7.19 -36.88
C1 NAG O . 44.31 7.22 -3.07
C2 NAG O . 44.23 6.12 -2.04
C3 NAG O . 44.79 4.86 -2.72
C4 NAG O . 44.07 4.61 -4.04
C5 NAG O . 43.69 5.86 -4.86
C6 NAG O . 42.51 5.52 -5.74
C7 NAG O . 44.36 7.41 0.00
C8 NAG O . 45.22 7.96 1.11
N2 NAG O . 44.94 6.58 -0.86
O3 NAG O . 44.55 3.69 -1.96
O4 NAG O . 44.91 3.77 -4.80
O5 NAG O . 43.33 6.96 -4.04
O6 NAG O . 42.96 4.62 -6.72
O7 NAG O . 43.17 7.73 -0.06
C1 NAG P . 44.47 1.44 -4.30
C2 NAG P . 45.30 0.46 -5.09
C3 NAG P . 44.89 -0.95 -4.68
C4 NAG P . 44.72 -1.10 -3.16
C5 NAG P . 44.40 0.18 -2.37
C6 NAG P . 44.87 0.09 -0.92
C7 NAG P . 45.77 1.80 -7.05
C8 NAG P . 44.99 2.61 -8.05
N2 NAG P . 45.16 0.74 -6.51
O3 NAG P . 45.87 -1.87 -5.07
O4 NAG P . 43.74 -2.09 -2.94
O5 NAG P . 44.91 1.36 -2.97
O6 NAG P . 45.13 1.37 -0.40
O7 NAG P . 46.94 2.14 -6.78
C1 BMA Q . 45.76 -3.45 -1.07
C2 BMA Q . 44.82 -4.23 -0.17
C3 BMA Q . 45.28 -5.69 -0.18
C4 BMA Q . 45.65 -6.24 -1.58
C5 BMA Q . 46.01 -5.20 -2.66
C6 BMA Q . 45.51 -5.64 -4.05
O2 BMA Q . 43.47 -4.12 -0.65
O3 BMA Q . 44.27 -6.52 0.43
O4 BMA Q . 46.77 -7.11 -1.42
O5 BMA Q . 45.50 -3.88 -2.41
O6 BMA Q . 45.87 -4.68 -5.05
C1 NAG R . 34.39 14.37 -20.97
C2 NAG R . 35.87 13.97 -21.08
C3 NAG R . 36.77 15.14 -21.49
C4 NAG R . 36.17 15.96 -22.64
C5 NAG R . 34.74 16.41 -22.30
C6 NAG R . 34.10 17.16 -23.46
C7 NAG R . 36.33 12.13 -19.52
C8 NAG R . 37.62 11.56 -19.01
N2 NAG R . 36.32 13.44 -19.81
O3 NAG R . 38.04 14.64 -21.84
O4 NAG R . 36.98 17.08 -22.89
O5 NAG R . 33.93 15.28 -21.98
O6 NAG R . 33.10 18.05 -22.95
O7 NAG R . 35.35 11.40 -19.67
C1 NAG S . 45.79 29.87 -1.73
C2 NAG S . 45.79 30.51 -3.11
C3 NAG S . 46.79 29.80 -4.00
C4 NAG S . 48.16 29.66 -3.32
C5 NAG S . 48.03 29.09 -1.89
C6 NAG S . 49.35 29.11 -1.14
C7 NAG S . 43.61 31.49 -3.74
C8 NAG S . 42.83 31.63 -5.03
N2 NAG S . 44.45 30.45 -3.67
O3 NAG S . 46.91 30.50 -5.23
O4 NAG S . 49.03 28.85 -4.09
O5 NAG S . 47.08 29.85 -1.15
O6 NAG S . 49.18 28.53 0.14
O7 NAG S . 43.45 32.30 -2.83
#